data_4Y6P
#
_entry.id   4Y6P
#
_cell.length_a   51.384
_cell.length_b   55.759
_cell.length_c   85.433
_cell.angle_alpha   103.18
_cell.angle_beta   102.83
_cell.angle_gamma   100.91
#
_symmetry.space_group_name_H-M   'P 1'
#
loop_
_entity.id
_entity.type
_entity.pdbx_description
1 polymer '1-deoxy-D-xylulose 5-phosphate reductoisomerase, apicoplast'
2 non-polymer '[(2R)-2-{2-[hydroxy(methyl)amino]-2-oxoethyl}-6-phenylhexyl]phosphonic acid'
3 non-polymer 'MANGANESE (II) ION'
4 non-polymer 'CALCIUM ION'
5 non-polymer 'SULFATE ION'
6 water water
#
_entity_poly.entity_id   1
_entity_poly.type   'polypeptide(L)'
_entity_poly.pdbx_seq_one_letter_code
;MAHHHHHHKKPINVAIFGSTGSIGTNALNIIRECNKIENVFNVKALYVNKSVNELYEQAREFLPEYLCIHDKSVYEELKE
LVKNIKDYKPIILCGDEGMKEICSSNSIDKIVIGIDSFQGLYSTMYAIMNNKIVALANKESIVSAGFFLKKLLNIHKNAK
IIPVDSEHSAIFQCLDNNKVLKTKCLQDNFSKINNINKIFLCSSGGPFQNLTMDELKNVTSENALKHPKWKMGKKITIDS
ATMMNKGLEVIETHFLFDVDYNDIEVIVHKECIIHSCVEFIDKSVISQMYYPDMQIPILYSLTWPDRIKTNLKPLDLAQV
STLTFHKPSLEHFPCIKLAYQAGIKGNFYPTVLNASNEIANNLFLNNKIKYFDISSIISQVLESFNSQKVSENSEDLMKQ
ILQIHSWAKDKATDIYNKHNSS
;
_entity_poly.pdbx_strand_id   A,B
#
loop_
_chem_comp.id
_chem_comp.type
_chem_comp.name
_chem_comp.formula
CA non-polymer 'CALCIUM ION' 'Ca 2'
MN non-polymer 'MANGANESE (II) ION' 'Mn 2'
R77 non-polymer '[(2R)-2-{2-[hydroxy(methyl)amino]-2-oxoethyl}-6-phenylhexyl]phosphonic acid' 'C15 H24 N O5 P'
SO4 non-polymer 'SULFATE ION' 'O4 S -2'
#
# COMPACT_ATOMS: atom_id res chain seq x y z
N PRO A 11 -24.17 4.09 12.19
CA PRO A 11 -24.55 3.08 11.21
C PRO A 11 -24.44 3.61 9.78
N ILE A 12 -23.93 2.77 8.88
CA ILE A 12 -23.79 3.15 7.49
C ILE A 12 -25.08 2.83 6.74
N ASN A 13 -25.74 3.88 6.28
CA ASN A 13 -27.04 3.73 5.62
C ASN A 13 -26.89 3.61 4.11
N VAL A 14 -27.23 2.44 3.59
CA VAL A 14 -26.91 2.14 2.20
CA VAL A 14 -26.89 2.06 2.20
C VAL A 14 -28.12 1.71 1.39
N ALA A 15 -28.09 2.11 0.12
CA ALA A 15 -29.06 1.65 -0.85
C ALA A 15 -28.33 0.79 -1.87
N ILE A 16 -28.95 -0.30 -2.28
CA ILE A 16 -28.39 -1.13 -3.33
C ILE A 16 -29.27 -1.03 -4.58
N PHE A 17 -28.74 -0.44 -5.64
CA PHE A 17 -29.42 -0.34 -6.93
C PHE A 17 -28.98 -1.50 -7.83
N GLY A 18 -29.93 -2.31 -8.28
CA GLY A 18 -29.57 -3.54 -9.00
C GLY A 18 -29.26 -4.68 -8.03
N SER A 19 -30.08 -4.87 -7.01
CA SER A 19 -29.71 -5.75 -5.90
C SER A 19 -29.70 -7.25 -6.21
N THR A 20 -30.23 -7.67 -7.35
CA THR A 20 -30.17 -9.09 -7.69
C THR A 20 -29.14 -9.44 -8.76
N GLY A 21 -28.41 -8.43 -9.23
CA GLY A 21 -27.28 -8.68 -10.12
C GLY A 21 -26.05 -9.08 -9.33
N SER A 22 -24.97 -9.29 -10.04
CA SER A 22 -23.74 -9.81 -9.46
C SER A 22 -23.19 -8.92 -8.35
N ILE A 23 -23.06 -7.63 -8.65
CA ILE A 23 -22.48 -6.71 -7.69
C ILE A 23 -23.42 -6.56 -6.51
N GLY A 24 -24.71 -6.44 -6.79
CA GLY A 24 -25.74 -6.27 -5.79
C GLY A 24 -25.81 -7.43 -4.80
N THR A 25 -25.73 -8.65 -5.32
CA THR A 25 -25.76 -9.81 -4.45
C THR A 25 -24.48 -9.93 -3.63
N ASN A 26 -23.33 -9.63 -4.24
CA ASN A 26 -22.06 -9.63 -3.50
C ASN A 26 -22.10 -8.59 -2.39
N ALA A 27 -22.68 -7.43 -2.67
CA ALA A 27 -22.81 -6.39 -1.67
C ALA A 27 -23.67 -6.87 -0.50
N LEU A 28 -24.80 -7.49 -0.79
CA LEU A 28 -25.67 -7.95 0.29
C LEU A 28 -25.02 -9.08 1.08
N ASN A 29 -24.24 -9.93 0.41
CA ASN A 29 -23.54 -11.02 1.10
C ASN A 29 -22.51 -10.50 2.07
N ILE A 30 -21.69 -9.55 1.64
CA ILE A 30 -20.64 -9.06 2.52
C ILE A 30 -21.25 -8.21 3.65
N ILE A 31 -22.33 -7.52 3.35
CA ILE A 31 -23.04 -6.75 4.37
C ILE A 31 -23.59 -7.68 5.46
N ARG A 32 -24.22 -8.77 5.02
CA ARG A 32 -24.73 -9.78 5.95
C ARG A 32 -23.62 -10.31 6.86
N GLU A 33 -22.52 -10.73 6.25
CA GLU A 33 -21.43 -11.33 6.99
C GLU A 33 -20.80 -10.33 7.95
N CYS A 34 -20.56 -9.11 7.49
CA CYS A 34 -20.00 -8.09 8.37
C CYS A 34 -20.95 -7.73 9.52
N ASN A 35 -22.25 -7.67 9.22
CA ASN A 35 -23.22 -7.35 10.25
C ASN A 35 -23.29 -8.40 11.37
N LYS A 36 -22.93 -9.65 11.06
CA LYS A 36 -22.86 -10.69 12.09
C LYS A 36 -21.77 -10.41 13.10
N ILE A 37 -20.71 -9.77 12.63
CA ILE A 37 -19.56 -9.44 13.44
C ILE A 37 -19.83 -8.18 14.24
N GLU A 38 -20.40 -7.18 13.58
CA GLU A 38 -20.73 -5.95 14.25
C GLU A 38 -21.84 -5.25 13.50
N ASN A 39 -22.83 -4.73 14.19
CA ASN A 39 -23.92 -4.07 13.50
C ASN A 39 -23.47 -2.73 12.92
N VAL A 40 -23.18 -2.75 11.63
CA VAL A 40 -22.56 -1.61 10.98
C VAL A 40 -23.47 -0.98 9.94
N PHE A 41 -24.15 -1.83 9.16
CA PHE A 41 -24.89 -1.37 8.01
C PHE A 41 -26.39 -1.42 8.26
N ASN A 42 -27.09 -0.38 7.84
CA ASN A 42 -28.54 -0.46 7.66
C ASN A 42 -28.80 -0.41 6.16
N VAL A 43 -29.37 -1.48 5.61
CA VAL A 43 -29.77 -1.48 4.22
C VAL A 43 -31.11 -0.75 4.17
N LYS A 44 -31.08 0.45 3.62
CA LYS A 44 -32.23 1.35 3.68
C LYS A 44 -33.12 1.26 2.48
N ALA A 45 -32.58 0.75 1.38
CA ALA A 45 -33.31 0.70 0.13
C ALA A 45 -32.77 -0.38 -0.78
N LEU A 46 -33.70 -1.05 -1.46
CA LEU A 46 -33.37 -2.00 -2.49
C LEU A 46 -34.16 -1.63 -3.72
N TYR A 47 -33.49 -1.66 -4.87
CA TYR A 47 -34.11 -1.29 -6.13
C TYR A 47 -33.74 -2.40 -7.09
N VAL A 48 -34.74 -3.04 -7.69
CA VAL A 48 -34.44 -4.06 -8.69
C VAL A 48 -35.34 -3.83 -9.88
N ASN A 49 -35.00 -4.50 -10.97
CA ASN A 49 -35.66 -4.30 -12.24
C ASN A 49 -36.98 -5.06 -12.31
N LYS A 50 -36.90 -6.38 -12.39
CA LYS A 50 -38.10 -7.23 -12.57
C LYS A 50 -38.20 -8.42 -11.59
N SER A 51 -37.09 -8.84 -10.98
CA SER A 51 -37.06 -10.05 -10.15
C SER A 51 -37.73 -9.85 -8.79
N VAL A 52 -39.06 -9.80 -8.82
CA VAL A 52 -39.87 -9.42 -7.67
C VAL A 52 -39.83 -10.46 -6.53
N ASN A 53 -39.65 -11.73 -6.90
CA ASN A 53 -39.52 -12.79 -5.90
C ASN A 53 -38.25 -12.64 -5.09
N GLU A 54 -37.12 -12.45 -5.78
CA GLU A 54 -35.84 -12.29 -5.12
C GLU A 54 -35.84 -11.04 -4.26
N LEU A 55 -36.41 -9.95 -4.77
CA LEU A 55 -36.53 -8.73 -3.99
C LEU A 55 -37.33 -8.96 -2.70
N TYR A 56 -38.41 -9.74 -2.82
CA TYR A 56 -39.21 -10.12 -1.66
C TYR A 56 -38.34 -10.86 -0.64
N GLU A 57 -37.56 -11.83 -1.13
CA GLU A 57 -36.67 -12.62 -0.27
C GLU A 57 -35.65 -11.72 0.44
N GLN A 58 -35.09 -10.75 -0.29
CA GLN A 58 -34.13 -9.82 0.28
C GLN A 58 -34.80 -8.91 1.32
N ALA A 59 -35.99 -8.41 0.98
CA ALA A 59 -36.73 -7.52 1.88
C ALA A 59 -37.02 -8.20 3.21
N ARG A 60 -37.31 -9.49 3.14
CA ARG A 60 -37.57 -10.32 4.31
C ARG A 60 -36.36 -10.33 5.24
N GLU A 61 -35.19 -10.50 4.64
CA GLU A 61 -33.95 -10.53 5.42
C GLU A 61 -33.52 -9.15 5.90
N PHE A 62 -33.44 -8.18 4.98
CA PHE A 62 -32.81 -6.88 5.25
C PHE A 62 -33.77 -5.77 5.73
N LEU A 63 -35.06 -6.01 5.55
CA LEU A 63 -36.11 -5.10 6.04
C LEU A 63 -35.84 -3.60 5.75
N PRO A 64 -35.61 -3.27 4.48
CA PRO A 64 -35.30 -1.88 4.17
C PRO A 64 -36.51 -0.97 4.29
N GLU A 65 -36.26 0.28 4.62
CA GLU A 65 -37.28 1.30 4.72
C GLU A 65 -37.94 1.55 3.36
N TYR A 66 -37.15 1.42 2.29
CA TYR A 66 -37.64 1.57 0.92
C TYR A 66 -37.47 0.32 0.10
N LEU A 67 -38.47 0.02 -0.72
CA LEU A 67 -38.33 -0.94 -1.79
C LEU A 67 -38.76 -0.29 -3.08
N CYS A 68 -38.05 -0.58 -4.16
CA CYS A 68 -38.45 -0.12 -5.47
C CYS A 68 -38.29 -1.22 -6.50
N ILE A 69 -39.30 -1.43 -7.32
CA ILE A 69 -39.13 -2.33 -8.45
C ILE A 69 -39.39 -1.50 -9.70
N HIS A 70 -38.52 -1.67 -10.69
CA HIS A 70 -38.55 -0.81 -11.86
C HIS A 70 -39.77 -1.12 -12.70
N ASP A 71 -39.99 -2.40 -12.95
CA ASP A 71 -41.09 -2.86 -13.78
C ASP A 71 -42.43 -2.69 -13.06
N LYS A 72 -43.20 -1.71 -13.53
CA LYS A 72 -44.48 -1.36 -12.94
C LYS A 72 -45.47 -2.50 -12.94
N SER A 73 -45.32 -3.40 -13.91
CA SER A 73 -46.23 -4.51 -14.05
C SER A 73 -46.24 -5.42 -12.81
N VAL A 74 -45.14 -5.43 -12.04
CA VAL A 74 -45.06 -6.31 -10.87
C VAL A 74 -45.10 -5.54 -9.55
N TYR A 75 -45.39 -4.25 -9.64
CA TYR A 75 -45.49 -3.39 -8.46
C TYR A 75 -46.56 -3.90 -7.48
N GLU A 76 -47.67 -4.37 -8.04
CA GLU A 76 -48.78 -4.89 -7.24
C GLU A 76 -48.41 -6.22 -6.60
N GLU A 77 -47.78 -7.09 -7.39
CA GLU A 77 -47.33 -8.37 -6.86
C GLU A 77 -46.38 -8.15 -5.68
N LEU A 78 -45.54 -7.11 -5.77
CA LEU A 78 -44.59 -6.79 -4.71
C LEU A 78 -45.28 -6.31 -3.42
N LYS A 79 -46.28 -5.44 -3.55
CA LYS A 79 -47.04 -4.99 -2.40
C LYS A 79 -47.66 -6.15 -1.64
N GLU A 80 -48.13 -7.14 -2.40
CA GLU A 80 -48.87 -8.29 -1.86
C GLU A 80 -47.89 -9.20 -1.15
N LEU A 81 -46.77 -9.48 -1.82
CA LEU A 81 -45.75 -10.36 -1.25
C LEU A 81 -45.30 -9.82 0.10
N VAL A 82 -45.03 -8.52 0.18
CA VAL A 82 -44.46 -7.98 1.43
C VAL A 82 -45.44 -8.01 2.61
N LYS A 83 -46.73 -8.17 2.32
CA LYS A 83 -47.70 -8.33 3.40
C LYS A 83 -47.38 -9.57 4.23
N ASN A 84 -46.69 -10.55 3.64
CA ASN A 84 -46.26 -11.73 4.39
C ASN A 84 -45.23 -11.40 5.48
N ILE A 85 -44.64 -10.21 5.46
CA ILE A 85 -43.57 -9.89 6.40
C ILE A 85 -44.12 -9.20 7.65
N LYS A 86 -43.84 -9.80 8.80
CA LYS A 86 -44.61 -9.50 10.01
C LYS A 86 -44.64 -8.04 10.50
N ASP A 87 -43.53 -7.54 11.01
CA ASP A 87 -43.53 -6.23 11.64
C ASP A 87 -42.84 -5.21 10.74
N TYR A 88 -43.38 -5.03 9.54
CA TYR A 88 -42.65 -4.37 8.46
C TYR A 88 -43.57 -3.49 7.62
N LYS A 89 -43.23 -2.20 7.54
CA LYS A 89 -44.07 -1.20 6.89
C LYS A 89 -43.27 -0.34 5.91
N PRO A 90 -42.74 -0.97 4.85
CA PRO A 90 -41.85 -0.24 3.95
C PRO A 90 -42.55 0.75 3.04
N ILE A 91 -41.82 1.77 2.60
CA ILE A 91 -42.27 2.61 1.49
C ILE A 91 -41.98 1.85 0.20
N ILE A 92 -43.03 1.44 -0.50
CA ILE A 92 -42.89 0.66 -1.73
C ILE A 92 -43.10 1.59 -2.92
N LEU A 93 -42.13 1.61 -3.82
CA LEU A 93 -42.13 2.52 -4.95
C LEU A 93 -41.89 1.75 -6.23
N CYS A 94 -41.89 2.44 -7.35
CA CYS A 94 -41.60 1.81 -8.64
C CYS A 94 -41.16 2.81 -9.72
N GLY A 95 -40.45 2.27 -10.69
CA GLY A 95 -39.87 3.04 -11.80
C GLY A 95 -38.83 4.08 -11.42
N ASP A 96 -38.49 4.90 -12.41
CA ASP A 96 -37.58 6.04 -12.25
C ASP A 96 -37.96 6.96 -11.09
N GLU A 97 -39.25 7.14 -10.88
CA GLU A 97 -39.69 8.03 -9.83
C GLU A 97 -39.43 7.47 -8.42
N GLY A 98 -39.44 6.17 -8.29
CA GLY A 98 -39.11 5.53 -7.02
C GLY A 98 -37.62 5.66 -6.77
N MET A 99 -36.84 5.43 -7.82
CA MET A 99 -35.40 5.59 -7.76
C MET A 99 -35.03 7.01 -7.33
N LYS A 100 -35.63 8.01 -7.98
CA LYS A 100 -35.42 9.40 -7.61
C LYS A 100 -35.83 9.66 -6.16
N GLU A 101 -36.95 9.09 -5.74
CA GLU A 101 -37.43 9.34 -4.39
C GLU A 101 -36.42 8.77 -3.39
N ILE A 102 -35.85 7.61 -3.71
CA ILE A 102 -34.82 7.00 -2.85
C ILE A 102 -33.56 7.89 -2.80
N CYS A 103 -33.10 8.38 -3.95
CA CYS A 103 -31.91 9.23 -4.00
C CYS A 103 -32.09 10.50 -3.17
N SER A 104 -33.32 10.96 -3.04
CA SER A 104 -33.61 12.21 -2.34
C SER A 104 -33.76 12.02 -0.85
N SER A 105 -33.82 10.77 -0.38
CA SER A 105 -33.97 10.54 1.05
C SER A 105 -32.76 11.00 1.84
N ASN A 106 -33.05 11.71 2.90
CA ASN A 106 -32.05 12.18 3.81
C ASN A 106 -31.52 11.04 4.71
N SER A 107 -32.17 9.88 4.71
CA SER A 107 -31.71 8.78 5.55
C SER A 107 -30.75 7.84 4.81
N ILE A 108 -30.33 8.23 3.61
CA ILE A 108 -29.48 7.38 2.78
C ILE A 108 -28.19 8.10 2.48
N ASP A 109 -27.09 7.46 2.82
CA ASP A 109 -25.78 8.09 2.73
C ASP A 109 -25.00 7.63 1.50
N LYS A 110 -25.13 6.36 1.16
CA LYS A 110 -24.32 5.77 0.11
C LYS A 110 -25.18 4.90 -0.73
N ILE A 111 -24.85 4.83 -2.01
CA ILE A 111 -25.61 4.06 -2.96
C ILE A 111 -24.69 3.24 -3.83
N VAL A 112 -24.93 1.93 -3.86
CA VAL A 112 -24.19 1.03 -4.72
C VAL A 112 -24.93 0.92 -6.04
N ILE A 113 -24.25 1.31 -7.12
CA ILE A 113 -24.84 1.27 -8.44
C ILE A 113 -24.36 0.02 -9.15
N GLY A 114 -25.19 -0.99 -9.16
CA GLY A 114 -24.82 -2.25 -9.79
C GLY A 114 -25.72 -2.48 -10.99
N ILE A 115 -25.89 -1.43 -11.79
CA ILE A 115 -26.76 -1.46 -12.96
C ILE A 115 -25.93 -1.07 -14.17
N ASP A 116 -26.15 -1.74 -15.29
CA ASP A 116 -25.39 -1.48 -16.50
C ASP A 116 -26.02 -0.42 -17.40
N SER A 117 -25.29 -0.11 -18.48
CA SER A 117 -25.70 0.90 -19.44
C SER A 117 -26.36 2.09 -18.77
N PHE A 118 -27.49 2.52 -19.29
CA PHE A 118 -27.92 3.87 -19.03
C PHE A 118 -28.80 4.11 -17.81
N GLN A 119 -29.58 3.12 -17.39
CA GLN A 119 -30.27 3.28 -16.12
C GLN A 119 -29.21 3.41 -15.03
N GLY A 120 -28.06 2.81 -15.29
CA GLY A 120 -26.90 2.92 -14.40
C GLY A 120 -26.43 4.36 -14.30
N LEU A 121 -26.22 4.96 -15.46
CA LEU A 121 -25.80 6.36 -15.55
C LEU A 121 -26.86 7.28 -14.99
N TYR A 122 -28.12 7.02 -15.35
CA TYR A 122 -29.23 7.85 -14.92
C TYR A 122 -29.35 7.84 -13.40
N SER A 123 -29.20 6.67 -12.79
CA SER A 123 -29.32 6.57 -11.35
C SER A 123 -28.11 7.20 -10.67
N THR A 124 -26.92 7.03 -11.26
CA THR A 124 -25.72 7.72 -10.79
C THR A 124 -25.93 9.23 -10.78
N MET A 125 -26.51 9.74 -11.85
CA MET A 125 -26.73 11.18 -11.98
C MET A 125 -27.57 11.69 -10.84
N TYR A 126 -28.66 10.99 -10.55
CA TYR A 126 -29.53 11.40 -9.45
C TYR A 126 -28.89 11.23 -8.08
N ALA A 127 -28.06 10.21 -7.93
CA ALA A 127 -27.36 10.04 -6.68
C ALA A 127 -26.43 11.24 -6.49
N ILE A 128 -25.77 11.63 -7.57
CA ILE A 128 -24.84 12.75 -7.47
C ILE A 128 -25.60 14.06 -7.20
N MET A 129 -26.72 14.24 -7.87
CA MET A 129 -27.49 15.46 -7.70
C MET A 129 -28.01 15.60 -6.28
N ASN A 130 -28.04 14.48 -5.56
CA ASN A 130 -28.49 14.47 -4.18
C ASN A 130 -27.34 14.36 -3.18
N ASN A 131 -26.13 14.63 -3.69
CA ASN A 131 -24.94 14.73 -2.87
C ASN A 131 -24.62 13.48 -2.08
N LYS A 132 -24.87 12.33 -2.71
CA LYS A 132 -24.60 11.05 -2.09
C LYS A 132 -23.22 10.53 -2.40
N ILE A 133 -22.80 9.55 -1.62
CA ILE A 133 -21.62 8.77 -1.91
C ILE A 133 -22.06 7.64 -2.81
N VAL A 134 -21.42 7.56 -3.97
CA VAL A 134 -21.81 6.64 -5.02
C VAL A 134 -20.72 5.59 -5.25
N ALA A 135 -21.03 4.36 -4.88
CA ALA A 135 -20.09 3.25 -5.11
C ALA A 135 -20.40 2.70 -6.49
N LEU A 136 -19.55 3.07 -7.44
CA LEU A 136 -19.83 2.84 -8.85
C LEU A 136 -19.03 1.68 -9.43
N ALA A 137 -19.76 0.68 -9.91
CA ALA A 137 -19.14 -0.52 -10.48
C ALA A 137 -19.16 -0.56 -12.03
N ASN A 138 -19.94 0.34 -12.62
CA ASN A 138 -20.14 0.41 -14.07
C ASN A 138 -19.01 1.17 -14.78
N LYS A 139 -17.96 0.48 -15.22
CA LYS A 139 -16.79 1.16 -15.79
C LYS A 139 -17.11 1.83 -17.12
N GLU A 140 -18.03 1.21 -17.86
CA GLU A 140 -18.47 1.75 -19.15
C GLU A 140 -19.05 3.16 -19.03
N SER A 141 -19.74 3.46 -17.92
CA SER A 141 -20.29 4.81 -17.71
C SER A 141 -19.22 5.89 -17.48
N ILE A 142 -18.15 5.51 -16.79
CA ILE A 142 -17.02 6.41 -16.55
C ILE A 142 -16.31 6.65 -17.87
N VAL A 143 -16.11 5.58 -18.64
CA VAL A 143 -15.42 5.70 -19.92
C VAL A 143 -16.21 6.56 -20.89
N SER A 144 -17.50 6.32 -20.95
CA SER A 144 -18.35 6.95 -21.94
C SER A 144 -18.78 8.35 -21.55
N ALA A 145 -19.09 8.53 -20.26
CA ALA A 145 -19.68 9.78 -19.81
C ALA A 145 -18.82 10.51 -18.78
N GLY A 146 -17.52 10.21 -18.77
CA GLY A 146 -16.58 10.85 -17.85
C GLY A 146 -16.69 12.37 -17.76
N PHE A 147 -16.80 13.03 -18.91
CA PHE A 147 -16.95 14.50 -18.96
C PHE A 147 -18.20 14.93 -18.21
N PHE A 148 -19.28 14.20 -18.42
CA PHE A 148 -20.52 14.52 -17.77
C PHE A 148 -20.42 14.30 -16.24
N LEU A 149 -19.86 13.17 -15.81
CA LEU A 149 -19.73 12.89 -14.38
C LEU A 149 -18.86 13.95 -13.69
N LYS A 150 -17.77 14.32 -14.35
CA LYS A 150 -16.86 15.35 -13.86
C LYS A 150 -17.55 16.70 -13.63
N LYS A 151 -18.31 17.16 -14.62
CA LYS A 151 -19.08 18.41 -14.51
C LYS A 151 -20.08 18.32 -13.35
N LEU A 152 -20.82 17.22 -13.30
CA LEU A 152 -21.82 17.00 -12.27
C LEU A 152 -21.20 16.99 -10.88
N LEU A 153 -20.00 16.39 -10.73
CA LEU A 153 -19.31 16.36 -9.45
C LEU A 153 -18.73 17.72 -9.04
N ASN A 154 -18.44 18.56 -10.04
CA ASN A 154 -17.99 19.94 -9.78
C ASN A 154 -19.12 20.81 -9.28
N ILE A 155 -20.33 20.53 -9.76
CA ILE A 155 -21.51 21.27 -9.35
C ILE A 155 -22.00 20.79 -7.98
N HIS A 156 -22.00 19.48 -7.77
CA HIS A 156 -22.49 18.92 -6.51
C HIS A 156 -21.32 18.55 -5.63
N LYS A 157 -20.90 19.51 -4.81
CA LYS A 157 -19.61 19.42 -4.18
C LYS A 157 -19.48 18.31 -3.17
N ASN A 158 -20.58 17.88 -2.56
CA ASN A 158 -20.51 16.87 -1.52
C ASN A 158 -20.73 15.45 -2.04
N ALA A 159 -21.16 15.33 -3.29
CA ALA A 159 -21.26 14.04 -3.96
C ALA A 159 -19.86 13.47 -4.20
N LYS A 160 -19.73 12.16 -4.13
CA LYS A 160 -18.45 11.49 -4.39
C LYS A 160 -18.70 10.17 -5.11
N ILE A 161 -17.87 9.88 -6.11
CA ILE A 161 -17.81 8.54 -6.67
C ILE A 161 -16.67 7.80 -5.98
N ILE A 162 -16.95 6.58 -5.51
CA ILE A 162 -15.92 5.71 -4.94
C ILE A 162 -15.82 4.49 -5.87
N PRO A 163 -14.61 4.18 -6.35
CA PRO A 163 -14.52 3.06 -7.29
C PRO A 163 -14.72 1.69 -6.67
N VAL A 164 -15.39 0.82 -7.43
CA VAL A 164 -15.63 -0.55 -7.05
C VAL A 164 -14.88 -1.54 -7.96
N ASP A 165 -14.58 -1.14 -9.20
CA ASP A 165 -13.79 -1.99 -10.12
C ASP A 165 -12.52 -2.39 -9.34
N SER A 166 -12.15 -3.68 -9.36
CA SER A 166 -11.16 -4.19 -8.40
C SER A 166 -9.81 -3.46 -8.46
N GLU A 167 -9.34 -3.12 -9.65
CA GLU A 167 -8.06 -2.45 -9.80
C GLU A 167 -8.12 -1.01 -9.28
N HIS A 168 -9.24 -0.35 -9.49
CA HIS A 168 -9.40 1.04 -9.09
C HIS A 168 -9.63 1.14 -7.62
N SER A 169 -10.30 0.14 -7.06
CA SER A 169 -10.39 0.00 -5.60
C SER A 169 -9.01 -0.22 -4.99
N ALA A 170 -8.21 -1.08 -5.63
CA ALA A 170 -6.85 -1.33 -5.14
C ALA A 170 -6.05 -0.02 -5.09
N ILE A 171 -6.12 0.73 -6.17
CA ILE A 171 -5.40 1.99 -6.29
C ILE A 171 -5.83 2.89 -5.15
N PHE A 172 -7.15 3.03 -5.00
CA PHE A 172 -7.74 3.89 -3.97
C PHE A 172 -7.31 3.47 -2.58
N GLN A 173 -7.22 2.16 -2.33
CA GLN A 173 -6.77 1.65 -1.03
C GLN A 173 -5.29 1.92 -0.73
N CYS A 174 -4.48 2.13 -1.75
CA CYS A 174 -3.06 2.40 -1.59
C CYS A 174 -2.78 3.85 -1.17
N LEU A 175 -3.79 4.71 -1.26
CA LEU A 175 -3.62 6.12 -0.99
C LEU A 175 -3.76 6.48 0.49
N ASP A 176 -3.25 7.65 0.85
CA ASP A 176 -3.40 8.21 2.18
C ASP A 176 -4.66 9.06 2.21
N ASN A 177 -5.62 8.67 3.05
CA ASN A 177 -6.95 9.28 3.07
C ASN A 177 -6.90 10.68 3.60
N ASN A 178 -5.80 10.88 4.28
CA ASN A 178 -5.32 12.15 4.65
C ASN A 178 -5.33 13.17 3.48
N LYS A 179 -4.75 12.74 2.36
CA LYS A 179 -4.71 13.49 1.10
C LYS A 179 -5.99 13.33 0.27
N VAL A 180 -6.52 12.10 0.22
CA VAL A 180 -7.75 11.86 -0.51
C VAL A 180 -8.86 12.81 -0.05
N LEU A 181 -8.96 13.04 1.26
CA LEU A 181 -10.04 13.86 1.83
C LEU A 181 -9.95 15.34 1.45
N LYS A 182 -8.81 15.74 0.88
CA LYS A 182 -8.62 17.10 0.37
C LYS A 182 -9.07 17.26 -1.08
N THR A 183 -9.54 16.17 -1.69
CA THR A 183 -9.95 16.19 -3.10
C THR A 183 -11.05 15.14 -3.22
N LYS A 184 -11.29 14.62 -4.40
CA LYS A 184 -12.20 13.49 -4.57
C LYS A 184 -12.00 12.93 -5.96
N CYS A 185 -12.47 11.71 -6.19
CA CYS A 185 -12.28 11.09 -7.48
C CYS A 185 -12.94 11.88 -8.58
N LEU A 186 -12.35 11.74 -9.77
CA LEU A 186 -12.85 12.38 -10.97
C LEU A 186 -12.75 13.89 -10.87
N GLN A 187 -11.78 14.38 -10.12
CA GLN A 187 -11.53 15.81 -9.99
CA GLN A 187 -11.57 15.80 -10.14
C GLN A 187 -10.15 16.14 -10.55
N ASP A 188 -10.04 17.30 -11.19
CA ASP A 188 -8.74 17.78 -11.62
C ASP A 188 -7.85 17.83 -10.40
N ASN A 189 -6.58 17.52 -10.59
CA ASN A 189 -5.56 17.65 -9.55
C ASN A 189 -5.50 16.54 -8.53
N PHE A 190 -6.33 15.51 -8.71
CA PHE A 190 -6.39 14.40 -7.78
C PHE A 190 -5.02 13.76 -7.63
N SER A 191 -4.33 13.57 -8.75
CA SER A 191 -3.00 12.96 -8.72
C SER A 191 -1.94 13.82 -8.05
N LYS A 192 -1.98 15.12 -8.34
CA LYS A 192 -1.08 16.07 -7.72
C LYS A 192 -1.23 16.06 -6.20
N ILE A 193 -2.46 16.16 -5.73
CA ILE A 193 -2.72 16.23 -4.30
C ILE A 193 -2.31 14.95 -3.56
N ASN A 194 -2.47 13.81 -4.22
CA ASN A 194 -2.11 12.52 -3.66
C ASN A 194 -0.67 12.10 -3.99
N ASN A 195 0.09 12.97 -4.64
CA ASN A 195 1.50 12.69 -4.94
C ASN A 195 1.70 11.44 -5.82
N ILE A 196 0.72 11.17 -6.68
CA ILE A 196 0.78 10.03 -7.58
C ILE A 196 1.62 10.35 -8.81
N ASN A 197 2.53 9.44 -9.14
CA ASN A 197 3.36 9.56 -10.34
C ASN A 197 2.90 8.68 -11.49
N LYS A 198 2.55 7.43 -11.16
CA LYS A 198 2.31 6.41 -12.18
C LYS A 198 1.48 5.24 -11.61
N ILE A 199 0.77 4.53 -12.48
CA ILE A 199 -0.09 3.44 -12.07
C ILE A 199 0.24 2.18 -12.82
N PHE A 200 0.38 1.08 -12.10
CA PHE A 200 0.43 -0.24 -12.70
C PHE A 200 -0.96 -0.83 -12.55
N LEU A 201 -1.61 -1.07 -13.67
CA LEU A 201 -2.92 -1.69 -13.69
C LEU A 201 -2.71 -3.16 -14.00
N CYS A 202 -3.01 -4.03 -13.05
CA CYS A 202 -2.75 -5.47 -13.17
C CYS A 202 -3.91 -6.17 -13.84
N SER A 203 -3.58 -7.12 -14.70
CA SER A 203 -4.57 -7.82 -15.52
C SER A 203 -4.32 -9.31 -15.40
N SER A 204 -5.38 -10.11 -15.34
CA SER A 204 -5.26 -11.55 -15.47
C SER A 204 -4.59 -11.93 -16.78
N GLY A 205 -4.81 -11.13 -17.82
CA GLY A 205 -4.37 -11.47 -19.16
C GLY A 205 -5.37 -12.29 -19.97
N GLY A 206 -6.41 -12.80 -19.32
CA GLY A 206 -7.45 -13.59 -19.99
C GLY A 206 -6.91 -14.93 -20.50
N PRO A 207 -7.72 -15.66 -21.27
CA PRO A 207 -7.34 -17.02 -21.70
C PRO A 207 -6.29 -17.15 -22.83
N PHE A 208 -5.88 -16.04 -23.47
CA PHE A 208 -5.10 -16.10 -24.73
C PHE A 208 -3.64 -15.58 -24.73
N GLN A 209 -3.08 -15.32 -23.55
CA GLN A 209 -1.73 -14.76 -23.40
C GLN A 209 -0.60 -15.50 -24.08
N ASN A 210 -0.73 -16.80 -24.24
CA ASN A 210 0.41 -17.52 -24.77
C ASN A 210 0.23 -17.80 -26.27
N LEU A 211 -0.96 -17.48 -26.78
CA LEU A 211 -1.34 -17.80 -28.15
C LEU A 211 -0.56 -16.99 -29.17
N THR A 212 -0.23 -17.65 -30.28
CA THR A 212 0.44 -16.99 -31.40
C THR A 212 -0.56 -16.13 -32.16
N MET A 213 -0.06 -15.25 -33.01
CA MET A 213 -0.93 -14.47 -33.87
C MET A 213 -1.80 -15.38 -34.72
N ASP A 214 -1.23 -16.48 -35.20
CA ASP A 214 -1.99 -17.38 -36.07
C ASP A 214 -3.07 -18.08 -35.27
N GLU A 215 -2.78 -18.45 -34.03
CA GLU A 215 -3.81 -19.03 -33.15
C GLU A 215 -4.92 -18.04 -32.83
N LEU A 216 -4.55 -16.80 -32.55
CA LEU A 216 -5.55 -15.77 -32.24
C LEU A 216 -6.52 -15.54 -33.39
N LYS A 217 -6.04 -15.68 -34.62
CA LYS A 217 -6.91 -15.48 -35.75
C LYS A 217 -8.17 -16.29 -35.64
N ASN A 218 -8.05 -17.51 -35.12
CA ASN A 218 -9.18 -18.43 -35.13
C ASN A 218 -9.83 -18.73 -33.80
N VAL A 219 -9.50 -18.01 -32.74
CA VAL A 219 -10.18 -18.31 -31.49
C VAL A 219 -11.65 -17.96 -31.61
N THR A 220 -12.48 -18.66 -30.82
CA THR A 220 -13.92 -18.47 -30.83
C THR A 220 -14.38 -17.99 -29.47
N SER A 221 -15.66 -17.57 -29.40
CA SER A 221 -16.22 -17.14 -28.12
C SER A 221 -16.31 -18.28 -27.12
N GLU A 222 -16.53 -19.50 -27.60
CA GLU A 222 -16.52 -20.64 -26.70
C GLU A 222 -15.13 -20.80 -26.06
N ASN A 223 -14.07 -20.60 -26.84
CA ASN A 223 -12.71 -20.54 -26.31
C ASN A 223 -12.56 -19.42 -25.25
N ALA A 224 -13.16 -18.27 -25.50
CA ALA A 224 -12.94 -17.10 -24.65
C ALA A 224 -13.68 -17.24 -23.34
N LEU A 225 -14.84 -17.90 -23.39
CA LEU A 225 -15.74 -18.00 -22.24
C LEU A 225 -15.28 -19.04 -21.24
N LYS A 226 -14.00 -19.38 -21.27
CA LYS A 226 -13.43 -20.18 -20.19
C LYS A 226 -12.24 -19.48 -19.61
N HIS A 227 -12.57 -18.57 -18.70
CA HIS A 227 -11.59 -17.69 -18.10
C HIS A 227 -10.73 -18.49 -17.15
N PRO A 228 -9.42 -18.23 -17.17
CA PRO A 228 -8.47 -18.95 -16.29
C PRO A 228 -8.69 -18.75 -14.79
N LYS A 229 -9.44 -17.72 -14.38
CA LYS A 229 -9.50 -17.32 -12.96
C LYS A 229 -10.86 -17.01 -12.34
N TRP A 230 -11.85 -16.63 -13.13
CA TRP A 230 -13.11 -16.15 -12.55
C TRP A 230 -14.28 -16.40 -13.50
N LYS A 231 -15.37 -16.90 -12.94
CA LYS A 231 -16.57 -17.02 -13.73
C LYS A 231 -17.37 -15.70 -13.57
N MET A 232 -17.62 -15.06 -14.72
CA MET A 232 -18.22 -13.73 -14.78
C MET A 232 -19.20 -13.65 -15.94
N GLY A 233 -19.81 -12.48 -16.08
CA GLY A 233 -20.71 -12.21 -17.20
C GLY A 233 -20.03 -12.41 -18.54
N LYS A 234 -20.84 -12.65 -19.57
CA LYS A 234 -20.31 -12.96 -20.89
C LYS A 234 -19.58 -11.76 -21.50
N LYS A 235 -20.16 -10.58 -21.38
CA LYS A 235 -19.58 -9.37 -21.96
C LYS A 235 -18.17 -9.10 -21.40
N ILE A 236 -18.03 -9.04 -20.07
CA ILE A 236 -16.71 -8.80 -19.49
C ILE A 236 -15.72 -9.93 -19.77
N THR A 237 -16.22 -11.17 -19.88
CA THR A 237 -15.37 -12.31 -20.19
C THR A 237 -14.73 -12.15 -21.57
N ILE A 238 -15.50 -11.69 -22.55
CA ILE A 238 -14.98 -11.43 -23.88
C ILE A 238 -13.99 -10.27 -23.83
N ASP A 239 -14.32 -9.23 -23.06
CA ASP A 239 -13.44 -8.08 -22.92
C ASP A 239 -12.10 -8.49 -22.28
N SER A 240 -12.14 -9.46 -21.37
CA SER A 240 -10.92 -9.90 -20.72
C SER A 240 -10.05 -10.68 -21.71
N ALA A 241 -10.72 -11.39 -22.61
CA ALA A 241 -10.05 -12.18 -23.65
C ALA A 241 -9.32 -11.29 -24.66
N THR A 242 -9.96 -10.18 -25.05
CA THR A 242 -9.37 -9.25 -26.02
C THR A 242 -8.46 -8.24 -25.36
N MET A 243 -8.53 -8.20 -24.03
CA MET A 243 -7.89 -7.16 -23.22
C MET A 243 -8.51 -5.78 -23.43
N MET A 244 -9.66 -5.72 -24.11
CA MET A 244 -10.40 -4.46 -24.13
C MET A 244 -10.86 -4.11 -22.72
N ASN A 245 -11.09 -5.08 -21.86
CA ASN A 245 -11.41 -4.74 -20.49
C ASN A 245 -10.37 -3.81 -19.87
N LYS A 246 -9.10 -4.17 -20.01
CA LYS A 246 -8.03 -3.31 -19.49
C LYS A 246 -7.96 -1.97 -20.22
N GLY A 247 -8.24 -1.99 -21.52
CA GLY A 247 -8.31 -0.74 -22.29
C GLY A 247 -9.30 0.22 -21.68
N LEU A 248 -10.51 -0.25 -21.44
CA LEU A 248 -11.54 0.54 -20.76
C LEU A 248 -11.04 1.00 -19.38
N GLU A 249 -10.38 0.10 -18.66
CA GLU A 249 -9.90 0.42 -17.31
C GLU A 249 -8.75 1.44 -17.27
N VAL A 250 -8.00 1.53 -18.36
CA VAL A 250 -7.00 2.59 -18.51
C VAL A 250 -7.68 3.95 -18.53
N ILE A 251 -8.71 4.07 -19.36
CA ILE A 251 -9.48 5.31 -19.45
C ILE A 251 -10.17 5.59 -18.10
N GLU A 252 -10.71 4.55 -17.47
CA GLU A 252 -11.34 4.70 -16.16
C GLU A 252 -10.34 5.27 -15.14
N THR A 253 -9.12 4.76 -15.18
CA THR A 253 -8.04 5.27 -14.33
C THR A 253 -7.74 6.74 -14.56
N HIS A 254 -7.63 7.11 -15.83
CA HIS A 254 -7.38 8.48 -16.21
C HIS A 254 -8.44 9.38 -15.62
N PHE A 255 -9.72 9.03 -15.79
CA PHE A 255 -10.78 9.90 -15.29
C PHE A 255 -10.88 9.91 -13.78
N LEU A 256 -10.84 8.73 -13.17
CA LEU A 256 -11.00 8.66 -11.74
C LEU A 256 -9.89 9.38 -10.97
N PHE A 257 -8.65 9.27 -11.44
CA PHE A 257 -7.51 9.69 -10.67
C PHE A 257 -6.69 10.80 -11.31
N ASP A 258 -7.12 11.29 -12.47
CA ASP A 258 -6.42 12.35 -13.21
C ASP A 258 -4.95 11.97 -13.44
N VAL A 259 -4.73 10.76 -13.93
CA VAL A 259 -3.41 10.27 -14.22
C VAL A 259 -3.24 10.27 -15.74
N ASP A 260 -2.12 10.83 -16.21
CA ASP A 260 -1.86 10.96 -17.65
C ASP A 260 -1.72 9.57 -18.25
N TYR A 261 -2.14 9.43 -19.51
CA TYR A 261 -2.05 8.12 -20.18
C TYR A 261 -0.64 7.55 -20.24
N ASN A 262 0.37 8.40 -20.45
CA ASN A 262 1.75 7.92 -20.48
CA ASN A 262 1.72 7.86 -20.50
C ASN A 262 2.21 7.40 -19.12
N ASP A 263 1.42 7.70 -18.08
CA ASP A 263 1.74 7.26 -16.72
C ASP A 263 0.85 6.10 -16.24
N ILE A 264 0.20 5.40 -17.17
CA ILE A 264 -0.57 4.19 -16.87
C ILE A 264 0.00 3.01 -17.66
N GLU A 265 0.47 2.00 -16.93
CA GLU A 265 1.04 0.81 -17.54
C GLU A 265 0.18 -0.40 -17.22
N VAL A 266 -0.20 -1.14 -18.25
CA VAL A 266 -0.92 -2.38 -18.07
C VAL A 266 0.11 -3.50 -17.90
N ILE A 267 -0.06 -4.31 -16.86
CA ILE A 267 0.89 -5.36 -16.62
C ILE A 267 0.13 -6.64 -16.38
N VAL A 268 0.59 -7.73 -17.02
CA VAL A 268 -0.11 -8.99 -16.91
C VAL A 268 0.38 -9.78 -15.72
N HIS A 269 -0.55 -10.07 -14.82
CA HIS A 269 -0.24 -10.71 -13.56
C HIS A 269 -1.21 -11.87 -13.40
N LYS A 270 -0.80 -13.05 -13.85
CA LYS A 270 -1.78 -14.11 -14.03
C LYS A 270 -2.32 -14.67 -12.72
N GLU A 271 -1.58 -14.53 -11.63
CA GLU A 271 -2.02 -15.05 -10.33
C GLU A 271 -3.16 -14.24 -9.71
N CYS A 272 -3.35 -13.01 -10.18
CA CYS A 272 -4.48 -12.18 -9.73
C CYS A 272 -4.52 -12.03 -8.21
N ILE A 273 -3.34 -11.86 -7.63
CA ILE A 273 -3.22 -11.60 -6.20
C ILE A 273 -2.98 -10.11 -5.94
N ILE A 274 -1.97 -9.55 -6.61
CA ILE A 274 -1.77 -8.10 -6.60
C ILE A 274 -2.77 -7.46 -7.57
N HIS A 275 -3.57 -6.53 -7.09
CA HIS A 275 -4.71 -6.06 -7.87
C HIS A 275 -4.46 -4.77 -8.62
N SER A 276 -3.46 -4.02 -8.19
CA SER A 276 -2.88 -2.89 -8.91
C SER A 276 -1.94 -2.19 -7.94
N CYS A 277 -1.16 -1.27 -8.48
CA CYS A 277 -0.07 -0.66 -7.73
C CYS A 277 0.02 0.81 -8.08
N VAL A 278 0.42 1.62 -7.09
CA VAL A 278 0.56 3.06 -7.27
C VAL A 278 1.99 3.46 -6.99
N GLU A 279 2.62 4.09 -7.98
CA GLU A 279 3.95 4.64 -7.82
C GLU A 279 3.83 6.09 -7.45
N PHE A 280 4.35 6.48 -6.29
CA PHE A 280 4.33 7.87 -5.86
C PHE A 280 5.52 8.66 -6.39
N ILE A 281 5.51 9.98 -6.18
CA ILE A 281 6.52 10.85 -6.80
C ILE A 281 7.94 10.60 -6.31
N ASP A 282 8.10 9.90 -5.20
CA ASP A 282 9.43 9.53 -4.68
C ASP A 282 9.91 8.21 -5.27
N LYS A 283 9.05 7.59 -6.07
CA LYS A 283 9.23 6.27 -6.68
C LYS A 283 8.92 5.10 -5.76
N SER A 284 8.49 5.35 -4.53
CA SER A 284 7.98 4.28 -3.72
C SER A 284 6.69 3.75 -4.34
N VAL A 285 6.52 2.45 -4.34
CA VAL A 285 5.33 1.81 -4.87
C VAL A 285 4.56 1.10 -3.76
N ILE A 286 3.25 1.29 -3.77
CA ILE A 286 2.34 0.65 -2.81
C ILE A 286 1.32 -0.14 -3.62
N SER A 287 0.98 -1.33 -3.15
CA SER A 287 0.04 -2.17 -3.88
C SER A 287 -0.93 -2.82 -2.92
N GLN A 288 -2.07 -3.20 -3.44
CA GLN A 288 -3.08 -3.89 -2.67
C GLN A 288 -3.18 -5.31 -3.19
N MET A 289 -3.37 -6.25 -2.27
CA MET A 289 -3.32 -7.69 -2.51
C MET A 289 -4.42 -8.43 -1.80
N TYR A 290 -4.95 -9.45 -2.47
CA TYR A 290 -5.88 -10.40 -1.86
C TYR A 290 -6.21 -11.49 -2.91
N TYR A 291 -6.83 -12.59 -2.48
CA TYR A 291 -7.33 -13.57 -3.43
C TYR A 291 -8.32 -12.86 -4.35
N PRO A 292 -8.49 -13.36 -5.57
CA PRO A 292 -9.55 -12.83 -6.40
C PRO A 292 -10.89 -12.96 -5.66
N ASP A 293 -11.55 -11.83 -5.43
CA ASP A 293 -12.79 -11.79 -4.66
C ASP A 293 -13.32 -10.38 -4.79
N MET A 294 -14.58 -10.20 -5.13
CA MET A 294 -15.10 -8.84 -5.30
C MET A 294 -15.65 -8.27 -3.99
N GLN A 295 -15.66 -9.08 -2.94
CA GLN A 295 -16.24 -8.59 -1.69
C GLN A 295 -15.42 -7.47 -1.06
N ILE A 296 -14.10 -7.53 -1.18
CA ILE A 296 -13.24 -6.49 -0.61
C ILE A 296 -13.44 -5.14 -1.29
N PRO A 297 -13.37 -5.07 -2.64
CA PRO A 297 -13.62 -3.78 -3.29
C PRO A 297 -15.00 -3.20 -2.99
N ILE A 298 -16.03 -4.05 -3.00
CA ILE A 298 -17.37 -3.58 -2.66
C ILE A 298 -17.41 -3.08 -1.23
N LEU A 299 -16.89 -3.87 -0.29
CA LEU A 299 -16.92 -3.49 1.11
C LEU A 299 -16.20 -2.17 1.34
N TYR A 300 -14.99 -2.04 0.79
CA TYR A 300 -14.24 -0.80 0.97
C TYR A 300 -15.01 0.43 0.42
N SER A 301 -15.76 0.27 -0.65
CA SER A 301 -16.50 1.44 -1.18
C SER A 301 -17.53 1.92 -0.16
N LEU A 302 -18.04 0.98 0.64
CA LEU A 302 -19.03 1.31 1.68
C LEU A 302 -18.42 1.72 3.02
N THR A 303 -17.20 1.31 3.33
CA THR A 303 -16.59 1.67 4.62
C THR A 303 -15.63 2.85 4.55
N TRP A 304 -15.04 3.06 3.38
CA TRP A 304 -14.12 4.19 3.17
C TRP A 304 -14.66 5.45 3.85
N PRO A 305 -13.86 6.17 4.63
CA PRO A 305 -12.41 6.02 4.77
C PRO A 305 -12.02 5.12 5.94
N ASP A 306 -12.95 4.32 6.41
CA ASP A 306 -12.66 3.36 7.48
C ASP A 306 -12.58 1.95 6.90
N ARG A 307 -12.19 1.01 7.77
CA ARG A 307 -12.27 -0.41 7.50
C ARG A 307 -13.02 -1.09 8.63
N ILE A 308 -13.67 -2.21 8.32
CA ILE A 308 -14.34 -3.01 9.35
C ILE A 308 -13.87 -4.47 9.29
N LYS A 309 -14.14 -5.22 10.34
CA LYS A 309 -13.72 -6.63 10.39
C LYS A 309 -14.52 -7.50 9.45
N THR A 310 -13.83 -8.44 8.82
CA THR A 310 -14.49 -9.53 8.13
C THR A 310 -13.93 -10.86 8.61
N ASN A 311 -14.60 -11.93 8.19
CA ASN A 311 -14.12 -13.28 8.43
C ASN A 311 -13.65 -13.93 7.13
N LEU A 312 -13.23 -13.12 6.17
CA LEU A 312 -12.71 -13.66 4.91
C LEU A 312 -11.44 -14.44 5.24
N LYS A 313 -11.15 -15.42 4.39
CA LYS A 313 -9.94 -16.21 4.50
C LYS A 313 -8.69 -15.35 4.37
N PRO A 314 -7.76 -15.45 5.32
CA PRO A 314 -6.51 -14.66 5.27
C PRO A 314 -5.61 -15.09 4.13
N LEU A 315 -4.98 -14.10 3.50
CA LEU A 315 -4.04 -14.35 2.42
C LEU A 315 -2.82 -15.12 2.93
N ASP A 316 -2.52 -16.24 2.29
CA ASP A 316 -1.41 -17.06 2.71
C ASP A 316 -0.33 -16.96 1.64
N LEU A 317 0.56 -16.00 1.81
CA LEU A 317 1.57 -15.68 0.81
C LEU A 317 2.54 -16.82 0.54
N ALA A 318 2.95 -17.54 1.58
CA ALA A 318 3.82 -18.69 1.38
C ALA A 318 3.13 -19.74 0.51
N GLN A 319 1.84 -19.94 0.72
CA GLN A 319 1.13 -20.92 -0.11
C GLN A 319 1.00 -20.44 -1.55
N VAL A 320 0.69 -19.15 -1.72
CA VAL A 320 0.64 -18.55 -3.04
C VAL A 320 1.98 -18.77 -3.74
N SER A 321 3.05 -18.48 -3.00
CA SER A 321 4.41 -18.87 -3.36
C SER A 321 5.10 -18.05 -4.45
N THR A 322 4.41 -17.80 -5.56
CA THR A 322 5.02 -17.14 -6.68
C THR A 322 4.08 -16.12 -7.31
N LEU A 323 4.58 -14.92 -7.57
CA LEU A 323 3.84 -13.90 -8.32
C LEU A 323 4.61 -13.52 -9.59
N THR A 324 3.94 -13.44 -10.73
CA THR A 324 4.60 -13.10 -11.99
C THR A 324 4.02 -11.87 -12.66
N PHE A 325 4.84 -11.24 -13.49
CA PHE A 325 4.48 -10.02 -14.19
C PHE A 325 5.15 -9.95 -15.53
N HIS A 326 4.39 -9.63 -16.57
CA HIS A 326 4.97 -9.34 -17.88
C HIS A 326 4.16 -8.32 -18.66
N LYS A 327 4.81 -7.70 -19.63
CA LYS A 327 4.16 -6.74 -20.53
C LYS A 327 3.23 -7.43 -21.51
N PRO A 328 2.04 -6.86 -21.71
CA PRO A 328 1.12 -7.35 -22.75
C PRO A 328 1.62 -6.98 -24.13
N SER A 329 1.42 -7.89 -25.10
CA SER A 329 1.81 -7.64 -26.47
C SER A 329 0.69 -6.89 -27.18
N LEU A 330 0.95 -5.67 -27.62
CA LEU A 330 -0.08 -4.86 -28.27
C LEU A 330 -0.41 -5.36 -29.67
N GLU A 331 0.47 -6.20 -30.23
CA GLU A 331 0.22 -6.85 -31.52
C GLU A 331 -0.85 -7.92 -31.34
N HIS A 332 -0.76 -8.63 -30.22
CA HIS A 332 -1.71 -9.71 -29.91
C HIS A 332 -2.99 -9.18 -29.32
N PHE A 333 -2.91 -8.06 -28.61
CA PHE A 333 -4.07 -7.45 -27.96
C PHE A 333 -4.23 -5.99 -28.40
N PRO A 334 -4.50 -5.79 -29.71
CA PRO A 334 -4.61 -4.46 -30.31
C PRO A 334 -5.68 -3.58 -29.66
N CYS A 335 -6.70 -4.18 -29.06
CA CYS A 335 -7.68 -3.41 -28.31
C CYS A 335 -7.05 -2.50 -27.25
N ILE A 336 -5.98 -2.95 -26.60
CA ILE A 336 -5.28 -2.13 -25.61
C ILE A 336 -4.76 -0.87 -26.26
N LYS A 337 -4.11 -1.02 -27.41
CA LYS A 337 -3.58 0.12 -28.10
C LYS A 337 -4.67 1.10 -28.53
N LEU A 338 -5.78 0.59 -29.05
CA LEU A 338 -6.89 1.45 -29.48
C LEU A 338 -7.45 2.28 -28.31
N ALA A 339 -7.54 1.68 -27.14
CA ALA A 339 -8.00 2.38 -25.93
C ALA A 339 -7.09 3.56 -25.57
N TYR A 340 -5.78 3.32 -25.57
CA TYR A 340 -4.84 4.40 -25.29
C TYR A 340 -4.98 5.49 -26.33
N GLN A 341 -5.07 5.10 -27.60
CA GLN A 341 -5.19 6.07 -28.69
C GLN A 341 -6.42 6.93 -28.50
N ALA A 342 -7.57 6.29 -28.23
CA ALA A 342 -8.80 7.01 -27.98
C ALA A 342 -8.70 7.91 -26.76
N GLY A 343 -8.10 7.41 -25.69
CA GLY A 343 -7.95 8.22 -24.49
C GLY A 343 -7.08 9.44 -24.69
N ILE A 344 -5.94 9.22 -25.34
CA ILE A 344 -4.98 10.27 -25.64
C ILE A 344 -5.57 11.33 -26.57
N LYS A 345 -6.31 10.88 -27.58
CA LYS A 345 -7.10 11.76 -28.42
C LYS A 345 -8.09 12.59 -27.64
N GLY A 346 -8.72 11.98 -26.64
CA GLY A 346 -9.63 12.72 -25.79
C GLY A 346 -10.95 13.02 -26.46
N ASN A 347 -11.51 14.17 -26.13
CA ASN A 347 -12.81 14.54 -26.67
C ASN A 347 -13.77 13.36 -26.43
N PHE A 348 -14.59 13.00 -27.40
CA PHE A 348 -15.54 11.91 -27.18
C PHE A 348 -15.07 10.58 -27.75
N TYR A 349 -13.79 10.51 -28.09
CA TYR A 349 -13.25 9.26 -28.59
C TYR A 349 -13.49 8.07 -27.62
N PRO A 350 -13.31 8.27 -26.30
CA PRO A 350 -13.64 7.16 -25.37
C PRO A 350 -15.10 6.68 -25.46
N THR A 351 -16.02 7.61 -25.67
CA THR A 351 -17.43 7.28 -25.93
C THR A 351 -17.57 6.38 -27.15
N VAL A 352 -16.86 6.74 -28.21
CA VAL A 352 -16.90 5.98 -29.46
C VAL A 352 -16.28 4.59 -29.28
N LEU A 353 -15.18 4.54 -28.55
CA LEU A 353 -14.49 3.28 -28.27
C LEU A 353 -15.42 2.32 -27.53
N ASN A 354 -16.02 2.83 -26.46
CA ASN A 354 -16.93 2.02 -25.68
C ASN A 354 -18.13 1.50 -26.49
N ALA A 355 -18.76 2.38 -27.26
CA ALA A 355 -19.94 2.01 -28.04
C ALA A 355 -19.62 1.00 -29.13
N SER A 356 -18.55 1.23 -29.89
CA SER A 356 -18.19 0.32 -30.96
C SER A 356 -17.78 -1.03 -30.40
N ASN A 357 -17.07 -1.04 -29.27
CA ASN A 357 -16.76 -2.28 -28.58
C ASN A 357 -18.02 -3.04 -28.15
N GLU A 358 -19.03 -2.32 -27.65
CA GLU A 358 -20.28 -2.96 -27.27
C GLU A 358 -20.80 -3.84 -28.43
N ILE A 359 -20.80 -3.26 -29.62
CA ILE A 359 -21.24 -3.98 -30.82
C ILE A 359 -20.27 -5.09 -31.24
N ALA A 360 -18.99 -4.79 -31.32
CA ALA A 360 -18.00 -5.79 -31.74
C ALA A 360 -17.92 -6.99 -30.78
N ASN A 361 -17.95 -6.68 -29.49
CA ASN A 361 -17.93 -7.72 -28.45
C ASN A 361 -19.10 -8.67 -28.69
N ASN A 362 -20.30 -8.12 -28.86
CA ASN A 362 -21.49 -8.95 -29.02
C ASN A 362 -21.49 -9.77 -30.32
N LEU A 363 -20.98 -9.19 -31.41
CA LEU A 363 -20.84 -9.92 -32.66
C LEU A 363 -19.91 -11.12 -32.50
N PHE A 364 -18.81 -10.93 -31.78
CA PHE A 364 -17.85 -12.00 -31.59
C PHE A 364 -18.47 -13.06 -30.69
N LEU A 365 -19.12 -12.62 -29.63
CA LEU A 365 -19.80 -13.51 -28.69
C LEU A 365 -20.75 -14.44 -29.45
N ASN A 366 -21.44 -13.90 -30.45
CA ASN A 366 -22.42 -14.65 -31.23
C ASN A 366 -21.88 -15.25 -32.52
N ASN A 367 -20.56 -15.38 -32.60
CA ASN A 367 -19.90 -16.06 -33.70
C ASN A 367 -20.11 -15.39 -35.06
N LYS A 368 -20.31 -14.08 -35.08
CA LYS A 368 -20.52 -13.40 -36.36
C LYS A 368 -19.23 -12.82 -36.93
N ILE A 369 -18.22 -12.63 -36.08
CA ILE A 369 -16.94 -12.11 -36.54
C ILE A 369 -15.81 -12.86 -35.85
N LYS A 370 -14.59 -12.62 -36.30
CA LYS A 370 -13.41 -13.22 -35.73
C LYS A 370 -12.66 -12.26 -34.79
N TYR A 371 -11.68 -12.78 -34.07
CA TYR A 371 -11.02 -12.04 -33.01
C TYR A 371 -10.44 -10.70 -33.48
N PHE A 372 -9.71 -10.71 -34.58
CA PHE A 372 -9.11 -9.48 -35.07
C PHE A 372 -10.09 -8.55 -35.79
N ASP A 373 -11.28 -9.04 -36.12
CA ASP A 373 -12.36 -8.19 -36.62
C ASP A 373 -12.86 -7.26 -35.52
N ILE A 374 -12.71 -7.65 -34.26
CA ILE A 374 -13.16 -6.82 -33.15
C ILE A 374 -12.42 -5.50 -33.16
N SER A 375 -11.09 -5.57 -33.10
CA SER A 375 -10.24 -4.38 -33.16
C SER A 375 -10.32 -3.69 -34.51
N SER A 376 -10.52 -4.44 -35.59
CA SER A 376 -10.66 -3.81 -36.90
C SER A 376 -11.89 -2.89 -36.97
N ILE A 377 -13.03 -3.38 -36.48
CA ILE A 377 -14.25 -2.61 -36.51
C ILE A 377 -14.13 -1.40 -35.60
N ILE A 378 -13.59 -1.60 -34.40
CA ILE A 378 -13.43 -0.50 -33.45
C ILE A 378 -12.51 0.57 -34.05
N SER A 379 -11.40 0.14 -34.63
CA SER A 379 -10.49 1.06 -35.29
C SER A 379 -11.20 1.92 -36.36
N GLN A 380 -11.98 1.27 -37.22
CA GLN A 380 -12.61 2.00 -38.32
C GLN A 380 -13.66 2.99 -37.81
N VAL A 381 -14.38 2.64 -36.75
CA VAL A 381 -15.35 3.59 -36.18
C VAL A 381 -14.59 4.79 -35.60
N LEU A 382 -13.50 4.55 -34.88
CA LEU A 382 -12.71 5.64 -34.34
C LEU A 382 -12.14 6.53 -35.45
N GLU A 383 -11.69 5.90 -36.53
CA GLU A 383 -11.14 6.64 -37.69
C GLU A 383 -12.17 7.57 -38.31
N SER A 384 -13.43 7.20 -38.16
CA SER A 384 -14.56 7.89 -38.75
C SER A 384 -15.09 9.03 -37.90
N PHE A 385 -14.70 9.06 -36.63
CA PHE A 385 -15.21 10.09 -35.73
C PHE A 385 -14.36 11.37 -35.82
N ASN A 386 -15.00 12.52 -35.70
CA ASN A 386 -14.27 13.78 -35.55
C ASN A 386 -14.66 14.50 -34.28
N SER A 387 -13.67 15.12 -33.64
CA SER A 387 -13.91 15.82 -32.40
C SER A 387 -15.04 16.80 -32.53
N GLN A 388 -15.79 16.95 -31.44
CA GLN A 388 -16.86 17.92 -31.39
C GLN A 388 -16.63 18.85 -30.24
N LYS A 389 -17.09 20.08 -30.42
CA LYS A 389 -17.10 21.04 -29.35
C LYS A 389 -17.89 20.43 -28.19
N VAL A 390 -17.30 20.44 -27.01
CA VAL A 390 -17.94 19.88 -25.82
C VAL A 390 -18.98 20.86 -25.23
N SER A 391 -20.25 20.46 -25.16
CA SER A 391 -21.28 21.33 -24.58
C SER A 391 -20.92 21.82 -23.18
N GLU A 392 -21.22 23.09 -22.91
CA GLU A 392 -21.01 23.67 -21.59
C GLU A 392 -22.12 23.26 -20.67
N ASN A 393 -23.31 23.14 -21.24
CA ASN A 393 -24.49 22.84 -20.48
C ASN A 393 -24.59 21.35 -20.21
N SER A 394 -24.84 20.97 -18.96
CA SER A 394 -24.80 19.56 -18.55
C SER A 394 -25.87 18.71 -19.27
N GLU A 395 -27.03 19.30 -19.53
CA GLU A 395 -28.11 18.61 -20.21
C GLU A 395 -27.77 18.39 -21.68
N ASP A 396 -27.22 19.41 -22.33
CA ASP A 396 -26.75 19.27 -23.70
C ASP A 396 -25.61 18.25 -23.79
N LEU A 397 -24.70 18.28 -22.82
CA LEU A 397 -23.55 17.36 -22.78
C LEU A 397 -24.00 15.90 -22.73
N MET A 398 -24.90 15.61 -21.81
CA MET A 398 -25.48 14.28 -21.72
C MET A 398 -26.11 13.84 -23.05
N LYS A 399 -26.84 14.74 -23.71
CA LYS A 399 -27.47 14.37 -24.98
C LYS A 399 -26.41 14.15 -26.07
N GLN A 400 -25.34 14.93 -26.01
CA GLN A 400 -24.23 14.78 -26.92
C GLN A 400 -23.61 13.37 -26.77
N ILE A 401 -23.40 12.96 -25.52
CA ILE A 401 -22.83 11.64 -25.25
C ILE A 401 -23.72 10.53 -25.79
N LEU A 402 -25.01 10.63 -25.52
CA LEU A 402 -25.96 9.65 -26.00
C LEU A 402 -25.97 9.61 -27.53
N GLN A 403 -25.90 10.78 -28.16
CA GLN A 403 -25.97 10.81 -29.63
C GLN A 403 -24.74 10.17 -30.22
N ILE A 404 -23.58 10.48 -29.65
CA ILE A 404 -22.32 9.93 -30.14
C ILE A 404 -22.28 8.43 -29.93
N HIS A 405 -22.75 7.96 -28.77
CA HIS A 405 -22.82 6.54 -28.44
C HIS A 405 -23.68 5.80 -29.46
N SER A 406 -24.86 6.34 -29.72
CA SER A 406 -25.78 5.77 -30.68
CA SER A 406 -25.78 5.76 -30.67
C SER A 406 -25.20 5.78 -32.09
N TRP A 407 -24.56 6.87 -32.48
CA TRP A 407 -23.94 6.95 -33.80
C TRP A 407 -22.86 5.87 -33.95
N ALA A 408 -22.00 5.74 -32.93
CA ALA A 408 -20.89 4.78 -32.94
C ALA A 408 -21.37 3.34 -33.02
N LYS A 409 -22.47 3.02 -32.33
CA LYS A 409 -23.02 1.67 -32.43
C LYS A 409 -23.53 1.40 -33.85
N ASP A 410 -24.15 2.41 -34.44
CA ASP A 410 -24.69 2.29 -35.79
C ASP A 410 -23.57 2.16 -36.80
N LYS A 411 -22.52 2.96 -36.62
CA LYS A 411 -21.36 2.88 -37.52
C LYS A 411 -20.72 1.48 -37.47
N ALA A 412 -20.54 0.94 -36.27
CA ALA A 412 -19.96 -0.38 -36.10
C ALA A 412 -20.83 -1.43 -36.80
N THR A 413 -22.15 -1.31 -36.61
CA THR A 413 -23.10 -2.24 -37.22
C THR A 413 -23.09 -2.17 -38.75
N ASP A 414 -22.99 -0.96 -39.28
CA ASP A 414 -22.95 -0.77 -40.74
C ASP A 414 -21.65 -1.32 -41.33
N ILE A 415 -20.56 -1.20 -40.60
CA ILE A 415 -19.31 -1.81 -41.04
C ILE A 415 -19.48 -3.33 -41.09
N TYR A 416 -20.06 -3.90 -40.07
CA TYR A 416 -20.27 -5.34 -40.04
C TYR A 416 -21.13 -5.77 -41.23
N ASN A 417 -22.24 -5.06 -41.42
CA ASN A 417 -23.19 -5.35 -42.51
C ASN A 417 -22.58 -5.25 -43.91
N LYS A 418 -21.75 -4.24 -44.13
CA LYS A 418 -21.01 -4.13 -45.39
C LYS A 418 -20.23 -5.41 -45.62
N HIS A 419 -19.49 -5.78 -44.58
CA HIS A 419 -18.51 -6.84 -44.66
C HIS A 419 -19.17 -8.19 -44.80
N ASN A 420 -20.46 -8.26 -44.51
CA ASN A 420 -21.11 -9.55 -44.45
C ASN A 420 -22.12 -9.81 -45.56
N PRO B 11 10.43 24.36 4.52
CA PRO B 11 11.76 23.74 4.51
C PRO B 11 11.96 22.79 5.68
N ILE B 12 12.47 21.60 5.42
CA ILE B 12 12.67 20.63 6.48
C ILE B 12 14.09 20.74 7.07
N ASN B 13 14.14 21.10 8.35
CA ASN B 13 15.39 21.30 9.04
C ASN B 13 15.85 20.02 9.74
N VAL B 14 16.95 19.46 9.26
N VAL B 14 16.96 19.47 9.26
CA VAL B 14 17.37 18.13 9.68
CA VAL B 14 17.42 18.14 9.63
C VAL B 14 18.78 18.03 10.22
C VAL B 14 18.77 18.13 10.30
N ALA B 15 18.94 17.21 11.24
CA ALA B 15 20.25 16.87 11.77
C ALA B 15 20.55 15.42 11.44
N ILE B 16 21.80 15.15 11.08
CA ILE B 16 22.19 13.78 10.77
C ILE B 16 23.22 13.29 11.79
N PHE B 17 22.83 12.33 12.63
CA PHE B 17 23.74 11.74 13.60
C PHE B 17 24.38 10.46 13.05
N GLY B 18 25.70 10.46 12.98
CA GLY B 18 26.45 9.39 12.33
C GLY B 18 26.52 9.61 10.83
N SER B 19 26.90 10.82 10.42
CA SER B 19 26.75 11.23 9.01
C SER B 19 27.74 10.57 8.04
N THR B 20 28.77 9.88 8.55
CA THR B 20 29.69 9.18 7.64
C THR B 20 29.45 7.66 7.61
N GLY B 21 28.45 7.20 8.36
CA GLY B 21 28.07 5.79 8.33
C GLY B 21 27.13 5.48 7.16
N SER B 22 26.69 4.25 7.06
CA SER B 22 25.87 3.84 5.94
C SER B 22 24.53 4.61 5.85
N ILE B 23 23.81 4.67 6.96
CA ILE B 23 22.54 5.40 6.96
C ILE B 23 22.80 6.88 6.69
N GLY B 24 23.78 7.44 7.38
CA GLY B 24 24.11 8.87 7.23
C GLY B 24 24.45 9.29 5.82
N THR B 25 25.28 8.49 5.15
CA THR B 25 25.72 8.83 3.81
C THR B 25 24.57 8.69 2.83
N ASN B 26 23.73 7.66 3.02
CA ASN B 26 22.53 7.52 2.20
C ASN B 26 21.56 8.66 2.40
N ALA B 27 21.45 9.13 3.65
CA ALA B 27 20.60 10.26 3.95
C ALA B 27 21.09 11.50 3.21
N LEU B 28 22.39 11.77 3.28
CA LEU B 28 22.94 12.94 2.63
C LEU B 28 22.83 12.84 1.12
N ASN B 29 22.98 11.64 0.57
CA ASN B 29 22.86 11.43 -0.87
C ASN B 29 21.45 11.75 -1.38
N ILE B 30 20.44 11.28 -0.67
CA ILE B 30 19.08 11.49 -1.14
C ILE B 30 18.63 12.93 -0.87
N ILE B 31 19.11 13.52 0.22
CA ILE B 31 18.86 14.95 0.46
C ILE B 31 19.46 15.81 -0.66
N ARG B 32 20.68 15.48 -1.07
CA ARG B 32 21.35 16.23 -2.14
C ARG B 32 20.54 16.13 -3.42
N GLU B 33 20.16 14.91 -3.76
CA GLU B 33 19.50 14.69 -5.02
C GLU B 33 18.11 15.34 -5.03
N CYS B 34 17.37 15.22 -3.92
CA CYS B 34 16.05 15.83 -3.84
C CYS B 34 16.12 17.35 -3.88
N ASN B 35 17.13 17.92 -3.23
CA ASN B 35 17.31 19.37 -3.22
C ASN B 35 17.66 19.93 -4.60
N LYS B 36 18.27 19.11 -5.45
CA LYS B 36 18.48 19.51 -6.85
C LYS B 36 17.16 19.67 -7.58
N ILE B 37 16.15 18.89 -7.18
CA ILE B 37 14.85 18.94 -7.86
C ILE B 37 14.05 20.11 -7.32
N GLU B 38 14.08 20.25 -6.00
CA GLU B 38 13.40 21.33 -5.33
C GLU B 38 14.04 21.55 -3.98
N ASN B 39 14.25 22.80 -3.59
CA ASN B 39 14.94 23.07 -2.34
C ASN B 39 13.99 22.80 -1.16
N VAL B 40 14.13 21.65 -0.51
CA VAL B 40 13.23 21.28 0.57
C VAL B 40 13.95 21.13 1.92
N PHE B 41 15.19 20.67 1.88
CA PHE B 41 15.91 20.33 3.09
C PHE B 41 17.00 21.35 3.45
N ASN B 42 17.06 21.72 4.72
CA ASN B 42 18.24 22.39 5.25
C ASN B 42 18.95 21.41 6.15
N VAL B 43 20.19 21.05 5.83
CA VAL B 43 20.94 20.20 6.74
C VAL B 43 21.55 21.11 7.81
N LYS B 44 20.97 21.07 9.00
CA LYS B 44 21.31 22.03 10.05
C LYS B 44 22.45 21.57 10.94
N ALA B 45 22.72 20.27 10.96
CA ALA B 45 23.69 19.71 11.88
C ALA B 45 24.21 18.38 11.39
N LEU B 46 25.51 18.18 11.57
CA LEU B 46 26.13 16.91 11.27
C LEU B 46 26.94 16.48 12.47
N TYR B 47 26.83 15.21 12.81
CA TYR B 47 27.52 14.66 13.97
C TYR B 47 28.21 13.39 13.54
N VAL B 48 29.52 13.33 13.76
CA VAL B 48 30.25 12.12 13.43
C VAL B 48 31.16 11.74 14.58
N ASN B 49 31.63 10.50 14.53
CA ASN B 49 32.47 9.99 15.59
C ASN B 49 33.91 10.49 15.50
N LYS B 50 34.65 10.08 14.46
CA LYS B 50 36.05 10.49 14.35
C LYS B 50 36.56 10.84 12.94
N SER B 51 35.73 10.67 11.92
CA SER B 51 36.15 10.92 10.54
C SER B 51 36.11 12.41 10.19
N VAL B 52 37.09 13.13 10.72
CA VAL B 52 37.09 14.59 10.65
C VAL B 52 37.29 15.09 9.22
N ASN B 53 38.05 14.37 8.39
CA ASN B 53 38.22 14.80 7.01
C ASN B 53 36.90 14.75 6.24
N GLU B 54 36.20 13.63 6.37
CA GLU B 54 34.90 13.47 5.72
C GLU B 54 33.87 14.47 6.24
N LEU B 55 33.85 14.71 7.56
CA LEU B 55 32.94 15.72 8.12
C LEU B 55 33.23 17.07 7.46
N TYR B 56 34.50 17.41 7.33
CA TYR B 56 34.87 18.66 6.69
C TYR B 56 34.34 18.72 5.25
N GLU B 57 34.51 17.64 4.49
CA GLU B 57 34.02 17.60 3.11
C GLU B 57 32.51 17.78 3.05
N GLN B 58 31.82 17.16 4.01
CA GLN B 58 30.37 17.30 4.12
C GLN B 58 29.97 18.73 4.51
N ALA B 59 30.71 19.32 5.45
CA ALA B 59 30.47 20.71 5.85
C ALA B 59 30.62 21.63 4.66
N ARG B 60 31.64 21.40 3.85
CA ARG B 60 31.88 22.20 2.66
C ARG B 60 30.67 22.20 1.77
N GLU B 61 30.04 21.05 1.62
CA GLU B 61 28.89 20.96 0.73
C GLU B 61 27.61 21.49 1.38
N PHE B 62 27.29 21.02 2.58
CA PHE B 62 25.98 21.29 3.18
C PHE B 62 25.92 22.54 4.07
N LEU B 63 27.08 23.04 4.50
CA LEU B 63 27.17 24.28 5.31
C LEU B 63 26.19 24.31 6.49
N PRO B 64 26.21 23.25 7.31
CA PRO B 64 25.29 23.23 8.46
C PRO B 64 25.67 24.23 9.55
N GLU B 65 24.67 24.71 10.28
CA GLU B 65 24.85 25.60 11.42
C GLU B 65 25.70 24.93 12.50
N TYR B 66 25.49 23.63 12.69
CA TYR B 66 26.21 22.88 13.71
C TYR B 66 27.11 21.79 13.14
N LEU B 67 28.31 21.68 13.69
CA LEU B 67 29.16 20.54 13.44
C LEU B 67 29.54 19.95 14.78
N CYS B 68 29.44 18.64 14.91
CA CYS B 68 29.86 17.97 16.14
C CYS B 68 30.69 16.75 15.83
N ILE B 69 31.81 16.64 16.51
CA ILE B 69 32.68 15.48 16.36
C ILE B 69 32.86 14.83 17.73
N HIS B 70 32.60 13.53 17.81
CA HIS B 70 32.58 12.87 19.10
C HIS B 70 33.97 12.80 19.73
N ASP B 71 34.97 12.49 18.91
CA ASP B 71 36.33 12.30 19.39
C ASP B 71 36.99 13.66 19.65
N LYS B 72 37.12 14.03 20.93
CA LYS B 72 37.73 15.31 21.30
C LYS B 72 39.10 15.52 20.69
N SER B 73 39.82 14.44 20.43
CA SER B 73 41.19 14.58 19.98
C SER B 73 41.30 15.15 18.56
N VAL B 74 40.20 15.26 17.84
CA VAL B 74 40.24 15.92 16.53
C VAL B 74 39.34 17.15 16.47
N TYR B 75 38.87 17.60 17.63
CA TYR B 75 38.06 18.78 17.72
C TYR B 75 38.84 19.99 17.18
N GLU B 76 40.07 20.15 17.65
CA GLU B 76 40.88 21.29 17.25
C GLU B 76 41.17 21.19 15.76
N GLU B 77 41.45 19.98 15.28
CA GLU B 77 41.69 19.80 13.84
C GLU B 77 40.50 20.21 12.96
N LEU B 78 39.29 19.93 13.44
CA LEU B 78 38.08 20.27 12.71
C LEU B 78 37.91 21.77 12.60
N LYS B 79 38.09 22.48 13.72
CA LYS B 79 38.01 23.93 13.70
C LYS B 79 38.98 24.52 12.67
N GLU B 80 40.16 23.95 12.54
CA GLU B 80 41.15 24.54 11.62
C GLU B 80 40.72 24.28 10.19
N LEU B 81 40.25 23.07 9.95
CA LEU B 81 39.82 22.69 8.62
C LEU B 81 38.73 23.63 8.15
N VAL B 82 37.74 23.84 9.00
CA VAL B 82 36.56 24.62 8.67
C VAL B 82 36.88 26.06 8.29
N LYS B 83 38.02 26.55 8.75
CA LYS B 83 38.46 27.90 8.37
C LYS B 83 38.68 28.06 6.88
N ASN B 84 38.93 26.96 6.17
CA ASN B 84 39.06 27.02 4.72
C ASN B 84 37.78 27.38 4.01
N ILE B 85 36.66 27.20 4.69
CA ILE B 85 35.37 27.35 4.04
C ILE B 85 34.95 28.80 4.06
N LYS B 86 34.66 29.28 2.87
CA LYS B 86 34.44 30.69 2.62
C LYS B 86 33.09 31.11 3.20
N ASP B 87 33.08 32.18 3.98
CA ASP B 87 31.83 32.82 4.38
C ASP B 87 30.97 31.96 5.32
N TYR B 88 31.62 31.18 6.18
CA TYR B 88 30.94 30.12 6.92
C TYR B 88 31.40 30.10 8.38
N LYS B 89 30.46 30.27 9.29
CA LYS B 89 30.83 30.29 10.69
C LYS B 89 29.88 29.45 11.54
N PRO B 90 30.11 28.15 11.50
CA PRO B 90 29.29 27.20 12.20
C PRO B 90 29.58 27.17 13.68
N ILE B 91 28.60 26.68 14.44
CA ILE B 91 28.84 26.31 15.80
C ILE B 91 29.51 24.94 15.82
N ILE B 92 30.72 24.89 16.36
CA ILE B 92 31.52 23.67 16.30
C ILE B 92 31.67 23.06 17.68
N LEU B 93 31.24 21.80 17.79
CA LEU B 93 31.04 21.18 19.08
C LEU B 93 31.68 19.81 19.17
N CYS B 94 31.62 19.24 20.35
CA CYS B 94 32.33 18.02 20.60
C CYS B 94 31.64 17.12 21.63
N GLY B 95 31.71 15.81 21.41
CA GLY B 95 31.24 14.84 22.40
C GLY B 95 29.74 14.74 22.64
N ASP B 96 29.40 14.03 23.71
CA ASP B 96 28.01 13.91 24.17
C ASP B 96 27.34 15.26 24.39
N GLU B 97 28.04 16.24 24.94
CA GLU B 97 27.36 17.51 25.19
C GLU B 97 27.14 18.30 23.92
N GLY B 98 27.95 18.11 22.89
CA GLY B 98 27.67 18.75 21.61
C GLY B 98 26.40 18.12 21.01
N MET B 99 26.24 16.85 21.25
CA MET B 99 25.07 16.15 20.76
C MET B 99 23.79 16.67 21.44
N LYS B 100 23.84 16.84 22.77
CA LYS B 100 22.70 17.39 23.51
C LYS B 100 22.37 18.78 23.08
N GLU B 101 23.39 19.56 22.76
CA GLU B 101 23.18 20.93 22.34
C GLU B 101 22.49 20.97 20.98
N ILE B 102 22.87 20.09 20.09
CA ILE B 102 22.19 20.02 18.81
C ILE B 102 20.71 19.62 18.98
N CYS B 103 20.46 18.63 19.82
CA CYS B 103 19.08 18.20 20.08
C CYS B 103 18.22 19.32 20.69
N SER B 104 18.82 20.28 21.42
CA SER B 104 18.07 21.35 22.10
CA SER B 104 18.05 21.34 22.10
C SER B 104 17.78 22.54 21.20
N SER B 105 18.37 22.55 20.02
CA SER B 105 18.19 23.69 19.16
C SER B 105 16.78 23.78 18.59
N ASN B 106 16.22 24.99 18.63
CA ASN B 106 14.94 25.26 18.01
C ASN B 106 14.99 25.28 16.49
N SER B 107 16.17 25.27 15.90
CA SER B 107 16.21 25.35 14.45
C SER B 107 16.25 23.96 13.81
N ILE B 108 16.02 22.94 14.62
CA ILE B 108 16.06 21.56 14.15
C ILE B 108 14.74 20.85 14.44
N ASP B 109 14.15 20.30 13.38
CA ASP B 109 12.85 19.66 13.47
C ASP B 109 12.96 18.13 13.50
N LYS B 110 13.89 17.59 12.71
CA LYS B 110 14.03 16.16 12.59
C LYS B 110 15.46 15.70 12.72
N ILE B 111 15.63 14.57 13.38
CA ILE B 111 16.94 14.01 13.62
C ILE B 111 17.01 12.57 13.14
N VAL B 112 17.95 12.31 12.23
CA VAL B 112 18.25 10.97 11.77
C VAL B 112 19.29 10.34 12.70
N ILE B 113 18.91 9.23 13.31
CA ILE B 113 19.82 8.51 14.20
C ILE B 113 20.42 7.36 13.41
N GLY B 114 21.63 7.58 12.95
CA GLY B 114 22.37 6.56 12.22
C GLY B 114 23.57 6.09 13.00
N ILE B 115 23.44 6.03 14.32
CA ILE B 115 24.50 5.52 15.22
C ILE B 115 24.02 4.24 15.88
N ASP B 116 24.95 3.31 16.15
CA ASP B 116 24.62 2.04 16.84
C ASP B 116 24.79 2.12 18.37
N SER B 117 24.37 1.06 19.07
CA SER B 117 24.66 0.85 20.50
C SER B 117 24.32 2.03 21.44
N PHE B 118 25.18 2.29 22.43
CA PHE B 118 24.87 3.28 23.45
C PHE B 118 24.54 4.61 22.83
N GLN B 119 25.48 5.14 22.06
CA GLN B 119 25.36 6.51 21.61
C GLN B 119 24.12 6.66 20.75
N GLY B 120 23.69 5.55 20.14
CA GLY B 120 22.43 5.51 19.43
C GLY B 120 21.26 5.73 20.37
N LEU B 121 21.15 4.90 21.41
CA LEU B 121 20.06 5.05 22.38
C LEU B 121 20.13 6.41 23.07
N TYR B 122 21.34 6.81 23.42
CA TYR B 122 21.58 8.07 24.11
C TYR B 122 21.11 9.30 23.32
N SER B 123 21.52 9.38 22.07
CA SER B 123 21.11 10.50 21.22
C SER B 123 19.61 10.40 20.93
N THR B 124 19.09 9.19 20.78
CA THR B 124 17.65 9.00 20.66
C THR B 124 16.89 9.57 21.86
N MET B 125 17.36 9.25 23.07
CA MET B 125 16.73 9.75 24.30
C MET B 125 16.69 11.27 24.32
N TYR B 126 17.82 11.90 24.02
CA TYR B 126 17.87 13.35 24.00
C TYR B 126 17.01 13.97 22.90
N ALA B 127 16.92 13.31 21.75
CA ALA B 127 16.06 13.82 20.67
C ALA B 127 14.61 13.81 21.13
N ILE B 128 14.21 12.76 21.83
CA ILE B 128 12.86 12.66 22.31
C ILE B 128 12.56 13.67 23.41
N MET B 129 13.51 13.83 24.34
CA MET B 129 13.33 14.78 25.45
C MET B 129 13.18 16.18 24.93
N ASN B 130 13.70 16.43 23.74
CA ASN B 130 13.56 17.73 23.12
C ASN B 130 12.41 17.80 22.10
N ASN B 131 11.53 16.81 22.17
CA ASN B 131 10.28 16.83 21.41
C ASN B 131 10.48 16.86 19.90
N LYS B 132 11.51 16.17 19.43
CA LYS B 132 11.82 16.17 18.01
C LYS B 132 11.15 14.99 17.30
N ILE B 133 11.15 15.05 15.99
CA ILE B 133 10.82 13.90 15.18
C ILE B 133 12.10 13.16 14.97
N VAL B 134 12.09 11.88 15.32
CA VAL B 134 13.30 11.08 15.38
C VAL B 134 13.19 9.94 14.37
N ALA B 135 14.00 10.02 13.31
CA ALA B 135 14.09 8.97 12.31
C ALA B 135 15.09 7.95 12.79
N LEU B 136 14.58 6.85 13.30
CA LEU B 136 15.41 5.92 14.02
C LEU B 136 15.73 4.69 13.17
N ALA B 137 17.02 4.54 12.87
CA ALA B 137 17.52 3.40 12.09
C ALA B 137 18.18 2.31 12.97
N ASN B 138 18.29 2.56 14.28
CA ASN B 138 18.94 1.63 15.23
C ASN B 138 17.92 0.65 15.86
N LYS B 139 17.77 -0.54 15.27
CA LYS B 139 16.74 -1.48 15.75
C LYS B 139 17.07 -2.04 17.13
N GLU B 140 18.35 -2.19 17.42
CA GLU B 140 18.77 -2.76 18.70
C GLU B 140 18.26 -1.94 19.89
N SER B 141 18.17 -0.62 19.73
CA SER B 141 17.67 0.27 20.78
C SER B 141 16.18 0.09 21.09
N ILE B 142 15.41 -0.18 20.05
CA ILE B 142 14.00 -0.44 20.20
C ILE B 142 13.81 -1.80 20.90
N VAL B 143 14.56 -2.80 20.48
CA VAL B 143 14.43 -4.15 21.03
C VAL B 143 14.86 -4.18 22.49
N SER B 144 15.99 -3.53 22.76
CA SER B 144 16.57 -3.55 24.08
C SER B 144 15.89 -2.61 25.06
N ALA B 145 15.48 -1.44 24.57
CA ALA B 145 15.03 -0.37 25.46
C ALA B 145 13.62 0.09 25.13
N GLY B 146 12.86 -0.79 24.47
CA GLY B 146 11.49 -0.49 24.05
C GLY B 146 10.61 0.09 25.16
N PHE B 147 10.72 -0.49 26.36
CA PHE B 147 9.96 -0.02 27.53
C PHE B 147 10.28 1.43 27.87
N PHE B 148 11.58 1.75 27.85
CA PHE B 148 12.07 3.09 28.18
C PHE B 148 11.65 4.10 27.12
N LEU B 149 11.76 3.72 25.85
CA LEU B 149 11.33 4.59 24.75
C LEU B 149 9.83 4.91 24.82
N LYS B 150 9.05 3.89 25.12
CA LYS B 150 7.61 4.02 25.29
C LYS B 150 7.29 5.00 26.42
N LYS B 151 8.00 4.85 27.54
CA LYS B 151 7.77 5.71 28.69
C LYS B 151 8.13 7.14 28.34
N LEU B 152 9.27 7.32 27.70
CA LEU B 152 9.76 8.64 27.32
C LEU B 152 8.79 9.33 26.34
N LEU B 153 8.29 8.58 25.37
CA LEU B 153 7.35 9.14 24.38
C LEU B 153 6.00 9.45 25.02
N ASN B 154 5.68 8.80 26.13
CA ASN B 154 4.46 9.14 26.83
C ASN B 154 4.61 10.45 27.61
N ILE B 155 5.83 10.74 28.04
CA ILE B 155 6.10 11.98 28.74
C ILE B 155 6.24 13.15 27.76
N HIS B 156 6.98 12.92 26.68
CA HIS B 156 7.23 13.94 25.68
C HIS B 156 6.29 13.76 24.52
N LYS B 157 5.11 14.36 24.67
CA LYS B 157 4.00 13.99 23.82
C LYS B 157 4.13 14.43 22.36
N ASN B 158 4.96 15.43 22.10
CA ASN B 158 5.15 15.90 20.74
C ASN B 158 6.33 15.27 20.01
N ALA B 159 7.13 14.48 20.73
CA ALA B 159 8.18 13.67 20.12
C ALA B 159 7.54 12.53 19.34
N LYS B 160 8.19 12.11 18.27
CA LYS B 160 7.72 10.98 17.49
C LYS B 160 8.92 10.17 16.98
N ILE B 161 8.85 8.85 17.08
CA ILE B 161 9.77 7.98 16.36
C ILE B 161 9.16 7.60 15.02
N ILE B 162 9.92 7.80 13.95
CA ILE B 162 9.53 7.37 12.62
C ILE B 162 10.50 6.27 12.20
N PRO B 163 9.98 5.09 11.83
CA PRO B 163 10.92 4.00 11.50
C PRO B 163 11.66 4.18 10.19
N VAL B 164 12.94 3.84 10.21
CA VAL B 164 13.80 3.86 9.03
C VAL B 164 14.18 2.46 8.58
N ASP B 165 14.18 1.48 9.49
CA ASP B 165 14.44 0.07 9.13
C ASP B 165 13.49 -0.24 7.94
N SER B 166 14.01 -0.82 6.85
CA SER B 166 13.26 -0.87 5.59
C SER B 166 11.88 -1.52 5.69
N GLU B 167 11.78 -2.59 6.47
CA GLU B 167 10.54 -3.35 6.60
C GLU B 167 9.52 -2.54 7.40
N HIS B 168 10.02 -1.79 8.37
CA HIS B 168 9.15 -1.06 9.28
C HIS B 168 8.72 0.23 8.60
N SER B 169 9.60 0.77 7.75
CA SER B 169 9.20 1.88 6.87
C SER B 169 8.10 1.40 5.91
N ALA B 170 8.27 0.20 5.36
CA ALA B 170 7.30 -0.36 4.41
C ALA B 170 5.92 -0.42 5.06
N ILE B 171 5.88 -1.04 6.23
CA ILE B 171 4.67 -1.13 7.03
C ILE B 171 4.07 0.25 7.25
N PHE B 172 4.89 1.17 7.73
CA PHE B 172 4.45 2.53 8.01
C PHE B 172 3.85 3.17 6.77
N GLN B 173 4.49 2.97 5.62
CA GLN B 173 3.97 3.53 4.35
C GLN B 173 2.64 2.93 3.90
N CYS B 174 2.39 1.68 4.27
CA CYS B 174 1.16 0.97 3.87
C CYS B 174 -0.06 1.45 4.64
N LEU B 175 0.19 2.13 5.75
CA LEU B 175 -0.89 2.58 6.61
C LEU B 175 -1.49 3.85 6.06
N ASP B 176 -2.69 4.16 6.53
CA ASP B 176 -3.40 5.36 6.16
C ASP B 176 -2.98 6.50 7.09
N ASN B 177 -2.34 7.55 6.56
CA ASN B 177 -1.84 8.63 7.42
C ASN B 177 -2.93 9.36 8.17
N ASN B 178 -4.15 9.28 7.66
CA ASN B 178 -5.29 9.79 8.36
C ASN B 178 -5.46 9.19 9.77
N LYS B 179 -5.13 7.91 9.89
CA LYS B 179 -5.17 7.20 11.15
C LYS B 179 -3.85 7.31 11.88
N VAL B 180 -2.75 7.19 11.15
CA VAL B 180 -1.43 7.31 11.76
C VAL B 180 -1.33 8.62 12.55
N LEU B 181 -1.87 9.70 11.99
CA LEU B 181 -1.80 11.02 12.65
C LEU B 181 -2.60 11.09 13.95
N LYS B 182 -3.41 10.08 14.22
CA LYS B 182 -4.20 10.03 15.45
C LYS B 182 -3.52 9.20 16.53
N THR B 183 -2.31 8.76 16.25
CA THR B 183 -1.58 7.94 17.18
C THR B 183 -0.09 8.20 16.91
N LYS B 184 0.79 7.34 17.37
CA LYS B 184 2.19 7.42 16.97
C LYS B 184 2.89 6.11 17.31
N CYS B 185 4.00 5.86 16.65
CA CYS B 185 4.76 4.64 16.93
C CYS B 185 5.11 4.49 18.41
N LEU B 186 5.11 3.24 18.84
CA LEU B 186 5.37 2.84 20.22
C LEU B 186 4.25 3.21 21.18
N GLN B 187 3.14 3.68 20.64
CA GLN B 187 2.04 4.03 21.52
C GLN B 187 1.06 2.86 21.61
N ASP B 188 0.57 2.59 22.81
CA ASP B 188 -0.49 1.59 22.97
C ASP B 188 -1.66 1.91 22.04
N ASN B 189 -2.21 0.87 21.43
CA ASN B 189 -3.39 0.93 20.58
C ASN B 189 -3.14 1.39 19.14
N PHE B 190 -1.86 1.47 18.79
CA PHE B 190 -1.47 1.86 17.45
C PHE B 190 -2.10 0.95 16.43
N SER B 191 -2.06 -0.36 16.66
N SER B 191 -2.05 -0.36 16.68
CA SER B 191 -2.61 -1.31 15.69
CA SER B 191 -2.58 -1.36 15.75
C SER B 191 -4.12 -1.19 15.59
C SER B 191 -4.11 -1.22 15.61
N LYS B 192 -4.77 -1.02 16.74
CA LYS B 192 -6.22 -0.88 16.78
C LYS B 192 -6.65 0.34 15.99
N ILE B 193 -6.00 1.47 16.21
CA ILE B 193 -6.40 2.71 15.56
C ILE B 193 -6.15 2.63 14.03
N ASN B 194 -5.11 1.92 13.63
CA ASN B 194 -4.79 1.76 12.23
C ASN B 194 -5.45 0.55 11.56
N ASN B 195 -6.28 -0.18 12.29
CA ASN B 195 -7.01 -1.32 11.72
C ASN B 195 -6.10 -2.46 11.26
N ILE B 196 -4.92 -2.56 11.87
CA ILE B 196 -3.99 -3.63 11.54
C ILE B 196 -4.43 -4.95 12.16
N ASN B 197 -4.39 -6.01 11.37
CA ASN B 197 -4.66 -7.35 11.87
C ASN B 197 -3.40 -8.19 11.98
N LYS B 198 -2.54 -8.09 10.98
CA LYS B 198 -1.40 -8.98 10.90
C LYS B 198 -0.30 -8.36 10.02
N ILE B 199 0.94 -8.75 10.29
CA ILE B 199 2.10 -8.26 9.56
C ILE B 199 2.88 -9.38 8.92
N PHE B 200 3.17 -9.20 7.64
CA PHE B 200 4.16 -10.00 6.93
C PHE B 200 5.45 -9.23 6.88
N LEU B 201 6.46 -9.75 7.57
CA LEU B 201 7.78 -9.18 7.59
C LEU B 201 8.69 -9.91 6.60
N CYS B 202 9.02 -9.25 5.49
CA CYS B 202 9.77 -9.88 4.40
C CYS B 202 11.26 -9.86 4.64
N SER B 203 11.91 -10.98 4.31
CA SER B 203 13.32 -11.15 4.59
C SER B 203 14.02 -11.60 3.31
N SER B 204 15.23 -11.09 3.06
CA SER B 204 16.07 -11.64 1.98
C SER B 204 16.35 -13.12 2.16
N GLY B 205 16.35 -13.55 3.42
CA GLY B 205 16.74 -14.90 3.77
C GLY B 205 18.23 -15.09 4.06
N GLY B 206 19.05 -14.13 3.67
CA GLY B 206 20.48 -14.16 4.00
C GLY B 206 21.25 -15.11 3.10
N PRO B 207 22.58 -15.11 3.21
CA PRO B 207 23.39 -15.95 2.31
C PRO B 207 23.31 -17.44 2.58
N PHE B 208 22.78 -17.84 3.73
CA PHE B 208 22.70 -19.26 4.05
C PHE B 208 21.34 -19.87 3.85
N GLN B 209 20.44 -19.18 3.17
CA GLN B 209 19.06 -19.62 3.13
C GLN B 209 18.84 -21.01 2.53
N ASN B 210 19.67 -21.44 1.59
CA ASN B 210 19.48 -22.75 0.95
C ASN B 210 20.49 -23.80 1.37
N LEU B 211 21.22 -23.56 2.46
CA LEU B 211 22.13 -24.58 2.96
C LEU B 211 21.42 -25.69 3.70
N THR B 212 21.96 -26.91 3.59
CA THR B 212 21.50 -28.05 4.40
C THR B 212 21.97 -27.88 5.82
N MET B 213 21.43 -28.66 6.73
CA MET B 213 21.86 -28.65 8.12
C MET B 213 23.36 -28.97 8.20
N ASP B 214 23.82 -29.95 7.41
CA ASP B 214 25.24 -30.34 7.42
C ASP B 214 26.16 -29.21 6.96
N GLU B 215 25.74 -28.50 5.90
CA GLU B 215 26.46 -27.36 5.40
C GLU B 215 26.48 -26.22 6.44
N LEU B 216 25.36 -26.04 7.14
CA LEU B 216 25.28 -24.99 8.18
C LEU B 216 26.22 -25.19 9.36
N LYS B 217 26.44 -26.44 9.76
CA LYS B 217 27.33 -26.71 10.88
C LYS B 217 28.72 -26.10 10.69
N ASN B 218 29.14 -26.04 9.42
CA ASN B 218 30.51 -25.68 9.11
C ASN B 218 30.69 -24.25 8.55
N VAL B 219 29.59 -23.52 8.34
CA VAL B 219 29.70 -22.21 7.71
C VAL B 219 30.53 -21.27 8.57
N THR B 220 31.25 -20.37 7.92
CA THR B 220 32.10 -19.40 8.61
C THR B 220 31.63 -18.00 8.27
N SER B 221 32.09 -17.03 9.05
CA SER B 221 31.71 -15.65 8.80
C SER B 221 32.21 -15.15 7.44
N GLU B 222 33.35 -15.67 6.99
CA GLU B 222 33.89 -15.29 5.69
C GLU B 222 32.87 -15.63 4.62
N ASN B 223 32.26 -16.82 4.73
CA ASN B 223 31.16 -17.27 3.89
C ASN B 223 30.01 -16.28 3.85
N ALA B 224 29.64 -15.78 5.03
CA ALA B 224 28.53 -14.86 5.15
C ALA B 224 28.92 -13.51 4.53
N LEU B 225 30.14 -13.06 4.80
CA LEU B 225 30.48 -11.71 4.39
C LEU B 225 30.54 -11.60 2.86
N LYS B 226 29.74 -12.45 2.21
CA LYS B 226 29.41 -12.36 0.77
C LYS B 226 27.89 -12.47 0.57
N HIS B 227 27.19 -11.34 0.70
CA HIS B 227 25.72 -11.34 0.58
C HIS B 227 25.30 -11.29 -0.89
N PRO B 228 23.95 -12.12 -0.95
CA PRO B 228 23.24 -12.26 -2.26
C PRO B 228 22.47 -11.05 -2.86
N LYS B 229 22.64 -10.00 -2.25
CA LYS B 229 21.85 -8.79 -2.65
C LYS B 229 22.59 -7.49 -2.39
N TRP B 230 23.17 -7.36 -1.19
CA TRP B 230 23.65 -6.06 -0.71
C TRP B 230 25.04 -6.13 -0.09
N LYS B 231 25.88 -5.32 0.14
CA LYS B 231 26.96 -4.75 0.91
C LYS B 231 26.49 -3.99 2.12
N MET B 232 26.81 -4.52 3.29
CA MET B 232 26.47 -3.84 4.52
C MET B 232 27.54 -4.06 5.58
N GLY B 233 27.31 -3.44 6.73
CA GLY B 233 28.15 -3.62 7.91
C GLY B 233 28.24 -5.08 8.30
N LYS B 234 29.31 -5.44 8.98
CA LYS B 234 29.57 -6.83 9.32
C LYS B 234 28.51 -7.41 10.28
N LYS B 235 28.17 -6.65 11.31
CA LYS B 235 27.22 -7.11 12.31
C LYS B 235 25.85 -7.46 11.72
N ILE B 236 25.27 -6.57 10.92
CA ILE B 236 23.99 -6.88 10.30
C ILE B 236 24.09 -8.01 9.27
N THR B 237 25.24 -8.13 8.59
CA THR B 237 25.41 -9.22 7.64
C THR B 237 25.36 -10.56 8.37
N ILE B 238 26.04 -10.64 9.51
CA ILE B 238 25.98 -11.86 10.30
C ILE B 238 24.56 -12.09 10.83
N ASP B 239 23.89 -11.05 11.27
CA ASP B 239 22.49 -11.19 11.70
C ASP B 239 21.57 -11.64 10.56
N SER B 240 21.86 -11.24 9.34
CA SER B 240 21.06 -11.64 8.20
C SER B 240 21.34 -13.12 7.93
N ALA B 241 22.58 -13.54 8.14
CA ALA B 241 22.97 -14.92 7.89
C ALA B 241 22.29 -15.88 8.85
N THR B 242 22.16 -15.49 10.12
CA THR B 242 21.52 -16.35 11.13
C THR B 242 20.00 -16.12 11.22
N MET B 243 19.54 -15.11 10.49
CA MET B 243 18.18 -14.57 10.58
C MET B 243 17.82 -13.99 11.95
N MET B 244 18.81 -13.74 12.80
CA MET B 244 18.54 -13.04 14.05
C MET B 244 18.14 -11.63 13.70
N ASN B 245 18.58 -11.15 12.55
CA ASN B 245 18.14 -9.84 12.12
C ASN B 245 16.63 -9.78 12.09
N LYS B 246 15.99 -10.76 11.46
CA LYS B 246 14.53 -10.79 11.40
C LYS B 246 13.94 -11.03 12.76
N GLY B 247 14.62 -11.82 13.61
CA GLY B 247 14.20 -11.97 15.00
C GLY B 247 14.09 -10.65 15.74
N LEU B 248 15.16 -9.87 15.69
CA LEU B 248 15.17 -8.50 16.22
C LEU B 248 14.06 -7.64 15.60
N GLU B 249 13.81 -7.81 14.31
CA GLU B 249 12.80 -7.01 13.61
C GLU B 249 11.38 -7.39 13.99
N VAL B 250 11.19 -8.62 14.44
CA VAL B 250 9.90 -9.05 14.93
C VAL B 250 9.58 -8.27 16.21
N ILE B 251 10.52 -8.26 17.15
CA ILE B 251 10.33 -7.51 18.38
C ILE B 251 10.17 -6.01 18.07
N GLU B 252 10.97 -5.52 17.14
CA GLU B 252 10.85 -4.13 16.71
C GLU B 252 9.44 -3.80 16.19
N THR B 253 8.85 -4.72 15.42
CA THR B 253 7.49 -4.58 14.93
C THR B 253 6.50 -4.52 16.08
N HIS B 254 6.69 -5.43 17.03
CA HIS B 254 5.79 -5.50 18.17
C HIS B 254 5.79 -4.15 18.89
N PHE B 255 6.97 -3.60 19.15
CA PHE B 255 7.04 -2.35 19.92
C PHE B 255 6.59 -1.15 19.12
N LEU B 256 7.01 -1.04 17.87
CA LEU B 256 6.66 0.10 17.06
C LEU B 256 5.17 0.23 16.80
N PHE B 257 4.53 -0.90 16.52
CA PHE B 257 3.19 -0.91 15.97
C PHE B 257 2.13 -1.58 16.88
N ASP B 258 2.58 -2.06 18.06
CA ASP B 258 1.69 -2.72 19.04
C ASP B 258 0.97 -3.89 18.38
N VAL B 259 1.75 -4.71 17.68
CA VAL B 259 1.22 -5.89 17.01
C VAL B 259 1.60 -7.11 17.83
N ASP B 260 0.63 -7.98 18.11
CA ASP B 260 0.89 -9.18 18.89
C ASP B 260 1.83 -10.13 18.16
N TYR B 261 2.62 -10.90 18.89
CA TYR B 261 3.58 -11.80 18.27
C TYR B 261 2.94 -12.86 17.39
N ASN B 262 1.78 -13.40 17.78
N ASN B 262 1.78 -13.37 17.80
CA ASN B 262 1.14 -14.40 16.91
CA ASN B 262 1.08 -14.37 17.01
C ASN B 262 0.52 -13.76 15.67
C ASN B 262 0.59 -13.77 15.68
N ASP B 263 0.65 -12.44 15.55
CA ASP B 263 0.20 -11.73 14.34
C ASP B 263 1.35 -11.16 13.50
N ILE B 264 2.57 -11.64 13.72
CA ILE B 264 3.74 -11.26 12.92
C ILE B 264 4.30 -12.52 12.29
N GLU B 265 4.35 -12.55 10.96
CA GLU B 265 4.85 -13.72 10.25
C GLU B 265 6.09 -13.33 9.45
N VAL B 266 7.17 -14.07 9.63
CA VAL B 266 8.39 -13.83 8.85
C VAL B 266 8.27 -14.64 7.56
N ILE B 267 8.52 -13.97 6.44
CA ILE B 267 8.43 -14.61 5.15
C ILE B 267 9.68 -14.30 4.33
N VAL B 268 10.27 -15.33 3.73
CA VAL B 268 11.47 -15.16 2.93
C VAL B 268 11.10 -14.77 1.49
N HIS B 269 11.62 -13.63 1.06
CA HIS B 269 11.31 -13.06 -0.23
C HIS B 269 12.62 -12.66 -0.86
N LYS B 270 13.21 -13.60 -1.60
CA LYS B 270 14.62 -13.48 -1.91
C LYS B 270 14.92 -12.33 -2.87
N GLU B 271 13.93 -11.92 -3.64
CA GLU B 271 14.10 -10.84 -4.63
C GLU B 271 14.18 -9.45 -4.00
N CYS B 272 13.74 -9.31 -2.75
CA CYS B 272 13.84 -8.03 -2.03
C CYS B 272 13.21 -6.85 -2.75
N ILE B 273 12.05 -7.10 -3.35
CA ILE B 273 11.25 -6.06 -3.96
C ILE B 273 10.09 -5.61 -3.05
N ILE B 274 9.29 -6.56 -2.57
CA ILE B 274 8.25 -6.29 -1.57
C ILE B 274 8.90 -6.20 -0.19
N HIS B 275 8.77 -5.08 0.50
CA HIS B 275 9.60 -4.86 1.68
C HIS B 275 8.91 -5.23 2.97
N SER B 276 7.60 -5.36 2.90
CA SER B 276 6.78 -5.94 3.96
C SER B 276 5.34 -5.64 3.60
N CYS B 277 4.41 -6.29 4.28
CA CYS B 277 3.00 -6.16 3.96
C CYS B 277 2.17 -6.05 5.24
N VAL B 278 1.05 -5.38 5.12
CA VAL B 278 0.13 -5.24 6.22
C VAL B 278 -1.23 -5.79 5.84
N GLU B 279 -1.72 -6.70 6.67
CA GLU B 279 -3.08 -7.21 6.55
C GLU B 279 -3.99 -6.44 7.49
N PHE B 280 -5.02 -5.82 6.92
CA PHE B 280 -5.98 -5.08 7.73
C PHE B 280 -7.14 -5.96 8.19
N ILE B 281 -8.00 -5.42 9.06
CA ILE B 281 -9.02 -6.21 9.72
C ILE B 281 -10.08 -6.78 8.75
N ASP B 282 -10.15 -6.19 7.54
CA ASP B 282 -11.06 -6.70 6.51
C ASP B 282 -10.42 -7.80 5.67
N LYS B 283 -9.16 -8.09 5.99
CA LYS B 283 -8.26 -9.02 5.26
C LYS B 283 -7.65 -8.48 3.98
N SER B 284 -7.91 -7.22 3.61
CA SER B 284 -7.17 -6.62 2.52
C SER B 284 -5.71 -6.46 2.94
N VAL B 285 -4.78 -6.75 2.03
CA VAL B 285 -3.37 -6.64 2.33
C VAL B 285 -2.78 -5.52 1.46
N ILE B 286 -1.96 -4.67 2.06
CA ILE B 286 -1.28 -3.59 1.35
C ILE B 286 0.21 -3.85 1.55
N SER B 287 1.00 -3.62 0.52
CA SER B 287 2.44 -3.80 0.60
C SER B 287 3.18 -2.63 -0.03
N GLN B 288 4.44 -2.45 0.37
CA GLN B 288 5.31 -1.46 -0.23
C GLN B 288 6.43 -2.15 -0.99
N MET B 289 6.75 -1.61 -2.15
CA MET B 289 7.70 -2.22 -3.06
C MET B 289 8.65 -1.19 -3.62
N TYR B 290 9.91 -1.61 -3.79
CA TYR B 290 10.89 -0.86 -4.54
C TYR B 290 12.13 -1.75 -4.68
N TYR B 291 13.09 -1.34 -5.52
CA TYR B 291 14.36 -2.02 -5.55
C TYR B 291 15.00 -1.95 -4.16
N PRO B 292 15.92 -2.88 -3.85
CA PRO B 292 16.63 -2.77 -2.59
C PRO B 292 17.47 -1.48 -2.52
N ASP B 293 17.04 -0.55 -1.68
N ASP B 293 17.02 -0.52 -1.70
CA ASP B 293 17.66 0.75 -1.59
CA ASP B 293 17.64 0.80 -1.64
C ASP B 293 17.17 1.43 -0.33
C ASP B 293 17.18 1.63 -0.44
N MET B 294 18.08 1.86 0.50
CA MET B 294 17.73 2.48 1.77
C MET B 294 17.34 3.95 1.61
N GLN B 295 17.55 4.53 0.44
CA GLN B 295 17.20 5.95 0.28
C GLN B 295 15.69 6.23 0.43
N ILE B 296 14.88 5.28 -0.02
N ILE B 296 14.79 5.34 0.00
CA ILE B 296 13.43 5.38 0.08
CA ILE B 296 13.37 5.63 0.20
C ILE B 296 12.91 5.44 1.53
C ILE B 296 12.93 5.55 1.67
N PRO B 297 13.31 4.47 2.39
CA PRO B 297 12.91 4.51 3.82
C PRO B 297 13.47 5.73 4.56
N ILE B 298 14.72 6.09 4.28
CA ILE B 298 15.31 7.27 4.91
C ILE B 298 14.56 8.53 4.50
N LEU B 299 14.32 8.68 3.21
CA LEU B 299 13.61 9.85 2.72
C LEU B 299 12.21 9.97 3.30
N TYR B 300 11.47 8.86 3.30
CA TYR B 300 10.12 8.89 3.81
C TYR B 300 10.12 9.33 5.28
N SER B 301 11.11 8.91 6.06
CA SER B 301 11.11 9.28 7.47
C SER B 301 11.22 10.80 7.62
N LEU B 302 11.84 11.46 6.64
CA LEU B 302 12.04 12.91 6.66
C LEU B 302 10.93 13.69 5.98
N THR B 303 10.13 13.04 5.13
CA THR B 303 9.05 13.76 4.46
C THR B 303 7.69 13.49 5.07
N TRP B 304 7.53 12.34 5.71
CA TRP B 304 6.26 11.96 6.32
C TRP B 304 5.66 13.15 7.07
N PRO B 305 4.38 13.48 6.88
CA PRO B 305 3.39 12.71 6.18
C PRO B 305 3.19 13.12 4.73
N ASP B 306 4.21 13.73 4.14
CA ASP B 306 4.15 14.06 2.72
C ASP B 306 5.16 13.22 1.99
N ARG B 307 5.18 13.40 0.68
CA ARG B 307 6.18 12.80 -0.18
C ARG B 307 6.74 13.89 -1.07
N ILE B 308 7.99 13.76 -1.51
CA ILE B 308 8.55 14.71 -2.47
C ILE B 308 9.14 13.98 -3.68
N LYS B 309 9.42 14.70 -4.75
CA LYS B 309 9.98 14.07 -5.94
C LYS B 309 11.41 13.60 -5.77
N THR B 310 11.70 12.46 -6.36
CA THR B 310 13.07 12.00 -6.52
C THR B 310 13.29 11.66 -7.99
N ASN B 311 14.55 11.41 -8.31
CA ASN B 311 14.95 10.94 -9.63
C ASN B 311 15.46 9.51 -9.56
N LEU B 312 15.02 8.77 -8.55
CA LEU B 312 15.35 7.37 -8.47
C LEU B 312 14.76 6.61 -9.65
N LYS B 313 15.42 5.53 -10.03
CA LYS B 313 14.96 4.68 -11.12
C LYS B 313 13.59 4.07 -10.81
N PRO B 314 12.62 4.25 -11.73
CA PRO B 314 11.31 3.62 -11.53
C PRO B 314 11.38 2.10 -11.54
N LEU B 315 10.59 1.52 -10.64
CA LEU B 315 10.45 0.08 -10.56
C LEU B 315 9.92 -0.48 -11.86
N ASP B 316 10.62 -1.44 -12.43
CA ASP B 316 10.20 -2.09 -13.68
C ASP B 316 9.78 -3.49 -13.32
N LEU B 317 8.48 -3.64 -13.03
CA LEU B 317 7.94 -4.90 -12.57
C LEU B 317 8.07 -6.00 -13.61
N ALA B 318 7.81 -5.67 -14.86
CA ALA B 318 7.93 -6.67 -15.91
C ALA B 318 9.37 -7.22 -15.98
N GLN B 319 10.35 -6.36 -15.82
CA GLN B 319 11.74 -6.83 -15.83
C GLN B 319 12.07 -7.68 -14.61
N VAL B 320 11.64 -7.24 -13.43
CA VAL B 320 11.75 -8.07 -12.24
C VAL B 320 11.13 -9.43 -12.48
N SER B 321 9.93 -9.39 -13.06
CA SER B 321 9.24 -10.56 -13.60
C SER B 321 8.62 -11.56 -12.60
N THR B 322 9.37 -11.94 -11.58
CA THR B 322 8.93 -12.98 -10.67
C THR B 322 9.24 -12.60 -9.23
N LEU B 323 8.27 -12.78 -8.35
CA LEU B 323 8.47 -12.60 -6.91
C LEU B 323 8.11 -13.89 -6.16
N THR B 324 8.94 -14.31 -5.21
CA THR B 324 8.69 -15.55 -4.50
C THR B 324 8.63 -15.36 -3.00
N PHE B 325 7.89 -16.25 -2.36
CA PHE B 325 7.71 -16.25 -0.91
C PHE B 325 7.72 -17.66 -0.35
N HIS B 326 8.51 -17.86 0.71
CA HIS B 326 8.39 -19.10 1.50
C HIS B 326 8.65 -18.91 3.00
N LYS B 327 8.20 -19.90 3.76
CA LYS B 327 8.40 -19.90 5.21
C LYS B 327 9.84 -20.25 5.54
N PRO B 328 10.44 -19.53 6.49
CA PRO B 328 11.77 -19.91 6.94
C PRO B 328 11.76 -21.18 7.82
N SER B 329 12.80 -21.99 7.72
CA SER B 329 12.92 -23.18 8.54
C SER B 329 13.45 -22.80 9.91
N LEU B 330 12.69 -23.07 10.96
CA LEU B 330 13.14 -22.73 12.30
C LEU B 330 14.26 -23.68 12.78
N GLU B 331 14.37 -24.85 12.18
CA GLU B 331 15.46 -25.80 12.49
C GLU B 331 16.79 -25.23 11.96
N HIS B 332 16.75 -24.62 10.78
CA HIS B 332 17.95 -24.03 10.18
C HIS B 332 18.31 -22.66 10.74
N PHE B 333 17.27 -21.92 11.16
CA PHE B 333 17.42 -20.55 11.69
C PHE B 333 16.76 -20.45 13.07
N PRO B 334 17.31 -21.19 14.04
CA PRO B 334 16.77 -21.24 15.40
C PRO B 334 16.75 -19.87 16.09
N CYS B 335 17.58 -18.93 15.64
CA CYS B 335 17.54 -17.57 16.17
C CYS B 335 16.15 -16.93 16.02
N ILE B 336 15.42 -17.27 14.96
CA ILE B 336 14.09 -16.69 14.77
C ILE B 336 13.21 -17.13 15.91
N LYS B 337 13.26 -18.44 16.19
CA LYS B 337 12.48 -19.00 17.28
C LYS B 337 12.80 -18.34 18.63
N LEU B 338 14.08 -18.19 18.93
CA LEU B 338 14.50 -17.60 20.20
C LEU B 338 13.96 -16.18 20.36
N ALA B 339 13.94 -15.44 19.27
CA ALA B 339 13.45 -14.07 19.27
C ALA B 339 11.97 -14.03 19.61
N TYR B 340 11.18 -14.92 19.00
CA TYR B 340 9.76 -14.98 19.28
C TYR B 340 9.52 -15.36 20.75
N GLN B 341 10.27 -16.38 21.19
CA GLN B 341 10.13 -16.83 22.57
C GLN B 341 10.45 -15.71 23.53
N ALA B 342 11.53 -14.98 23.26
CA ALA B 342 11.89 -13.87 24.12
C ALA B 342 10.85 -12.74 24.10
N GLY B 343 10.34 -12.40 22.92
CA GLY B 343 9.32 -11.34 22.85
C GLY B 343 8.05 -11.74 23.60
N ILE B 344 7.60 -12.97 23.38
CA ILE B 344 6.36 -13.50 23.99
C ILE B 344 6.52 -13.55 25.50
N LYS B 345 7.70 -13.95 25.96
CA LYS B 345 8.02 -13.87 27.38
C LYS B 345 7.92 -12.47 27.94
N GLY B 346 8.38 -11.50 27.16
CA GLY B 346 8.26 -10.12 27.55
C GLY B 346 9.27 -9.71 28.61
N ASN B 347 8.83 -8.81 29.49
CA ASN B 347 9.71 -8.26 30.50
C ASN B 347 11.00 -7.82 29.80
N PHE B 348 12.16 -8.14 30.36
CA PHE B 348 13.41 -7.71 29.75
C PHE B 348 14.07 -8.81 28.92
N TYR B 349 13.34 -9.86 28.58
CA TYR B 349 13.91 -10.89 27.75
C TYR B 349 14.47 -10.34 26.41
N PRO B 350 13.79 -9.36 25.79
CA PRO B 350 14.36 -8.82 24.54
C PRO B 350 15.71 -8.12 24.76
N THR B 351 15.86 -7.44 25.89
CA THR B 351 17.14 -6.83 26.24
C THR B 351 18.23 -7.90 26.29
N VAL B 352 17.91 -9.02 26.92
CA VAL B 352 18.85 -10.12 27.07
C VAL B 352 19.16 -10.78 25.73
N LEU B 353 18.14 -10.95 24.92
CA LEU B 353 18.29 -11.51 23.58
C LEU B 353 19.26 -10.65 22.76
N ASN B 354 19.03 -9.34 22.79
CA ASN B 354 19.85 -8.41 22.03
C ASN B 354 21.30 -8.42 22.50
N ALA B 355 21.50 -8.41 23.82
CA ALA B 355 22.81 -8.34 24.40
C ALA B 355 23.60 -9.61 24.13
N SER B 356 22.97 -10.75 24.35
CA SER B 356 23.66 -12.03 24.18
C SER B 356 23.95 -12.25 22.70
N ASN B 357 23.03 -11.84 21.83
CA ASN B 357 23.34 -11.84 20.39
C ASN B 357 24.54 -10.95 20.02
N GLU B 358 24.65 -9.78 20.62
CA GLU B 358 25.78 -8.91 20.36
C GLU B 358 27.10 -9.70 20.52
N ILE B 359 27.22 -10.42 21.64
CA ILE B 359 28.42 -11.18 21.93
C ILE B 359 28.57 -12.36 20.99
N ALA B 360 27.52 -13.15 20.80
CA ALA B 360 27.59 -14.35 19.98
C ALA B 360 27.91 -14.02 18.51
N ASN B 361 27.27 -12.98 18.00
CA ASN B 361 27.50 -12.50 16.62
C ASN B 361 28.97 -12.13 16.44
N ASN B 362 29.52 -11.42 17.41
CA ASN B 362 30.92 -11.01 17.33
C ASN B 362 31.91 -12.17 17.44
N LEU B 363 31.60 -13.13 18.30
CA LEU B 363 32.40 -14.34 18.42
C LEU B 363 32.42 -15.14 17.12
N PHE B 364 31.28 -15.23 16.43
CA PHE B 364 31.22 -15.98 15.18
C PHE B 364 31.93 -15.18 14.09
N LEU B 365 31.71 -13.87 14.10
CA LEU B 365 32.39 -12.97 13.20
C LEU B 365 33.89 -13.22 13.27
N ASN B 366 34.41 -13.31 14.48
CA ASN B 366 35.84 -13.49 14.71
C ASN B 366 36.32 -14.94 14.82
N ASN B 367 35.51 -15.86 14.30
CA ASN B 367 35.89 -17.26 14.15
C ASN B 367 36.15 -18.01 15.45
N LYS B 368 35.45 -17.60 16.50
CA LYS B 368 35.67 -18.21 17.81
C LYS B 368 34.66 -19.31 18.11
N ILE B 369 33.50 -19.25 17.46
CA ILE B 369 32.45 -20.24 17.65
C ILE B 369 31.83 -20.53 16.30
N LYS B 370 31.05 -21.60 16.25
CA LYS B 370 30.42 -22.05 15.01
C LYS B 370 28.98 -21.55 14.95
N TYR B 371 28.35 -21.79 13.80
CA TYR B 371 27.00 -21.26 13.52
C TYR B 371 25.96 -21.62 14.58
N PHE B 372 25.80 -22.90 14.91
CA PHE B 372 24.80 -23.30 15.90
C PHE B 372 25.16 -22.97 17.35
N ASP B 373 26.41 -22.65 17.61
CA ASP B 373 26.82 -22.14 18.92
C ASP B 373 26.22 -20.75 19.19
N ILE B 374 25.85 -20.04 18.13
CA ILE B 374 25.27 -18.71 18.29
C ILE B 374 23.93 -18.81 19.03
N SER B 375 23.02 -19.59 18.46
CA SER B 375 21.73 -19.86 19.08
C SER B 375 21.86 -20.61 20.39
N SER B 376 22.83 -21.52 20.49
CA SER B 376 23.05 -22.19 21.76
C SER B 376 23.37 -21.22 22.89
N ILE B 377 24.29 -20.29 22.64
CA ILE B 377 24.71 -19.36 23.67
C ILE B 377 23.59 -18.39 24.07
N ILE B 378 22.89 -17.86 23.07
CA ILE B 378 21.77 -16.97 23.31
C ILE B 378 20.69 -17.69 24.15
N SER B 379 20.37 -18.94 23.77
CA SER B 379 19.38 -19.76 24.45
C SER B 379 19.72 -19.93 25.92
N GLN B 380 20.97 -20.28 26.21
CA GLN B 380 21.39 -20.50 27.58
C GLN B 380 21.32 -19.21 28.40
N VAL B 381 21.66 -18.07 27.80
CA VAL B 381 21.58 -16.81 28.54
C VAL B 381 20.11 -16.48 28.83
N LEU B 382 19.22 -16.71 27.85
CA LEU B 382 17.77 -16.49 28.03
C LEU B 382 17.18 -17.39 29.12
N GLU B 383 17.60 -18.66 29.10
CA GLU B 383 17.21 -19.65 30.11
C GLU B 383 17.62 -19.19 31.48
N SER B 384 18.78 -18.56 31.52
CA SER B 384 19.38 -18.12 32.76
C SER B 384 18.68 -16.92 33.38
N PHE B 385 18.17 -16.00 32.57
CA PHE B 385 17.62 -14.74 33.08
C PHE B 385 16.38 -14.94 33.95
N ASN B 386 16.23 -14.10 34.95
CA ASN B 386 15.01 -14.08 35.74
C ASN B 386 14.33 -12.72 35.61
N SER B 387 13.04 -12.73 35.29
CA SER B 387 12.31 -11.48 35.07
C SER B 387 12.40 -10.58 36.28
N GLN B 388 12.30 -9.29 36.03
CA GLN B 388 12.44 -8.29 37.09
C GLN B 388 11.27 -7.36 37.09
N LYS B 389 10.96 -6.82 38.27
CA LYS B 389 9.99 -5.75 38.37
C LYS B 389 10.44 -4.57 37.53
N VAL B 390 9.58 -4.13 36.63
CA VAL B 390 9.91 -3.02 35.76
C VAL B 390 9.84 -1.70 36.53
N SER B 391 10.94 -0.96 36.57
CA SER B 391 10.98 0.33 37.26
C SER B 391 9.93 1.29 36.71
N GLU B 392 9.30 2.04 37.61
CA GLU B 392 8.29 3.01 37.22
C GLU B 392 8.94 4.34 36.85
N ASN B 393 10.07 4.64 37.45
CA ASN B 393 10.79 5.88 37.16
C ASN B 393 11.65 5.75 35.89
N SER B 394 11.58 6.73 34.99
CA SER B 394 12.23 6.59 33.69
C SER B 394 13.76 6.48 33.81
N GLU B 395 14.35 7.23 34.73
CA GLU B 395 15.78 7.15 34.96
C GLU B 395 16.18 5.80 35.55
N ASP B 396 15.44 5.32 36.54
CA ASP B 396 15.70 3.99 37.09
C ASP B 396 15.54 2.90 36.02
N LEU B 397 14.53 3.08 35.16
CA LEU B 397 14.28 2.10 34.11
C LEU B 397 15.44 2.01 33.13
N MET B 398 15.97 3.16 32.73
CA MET B 398 17.13 3.19 31.86
C MET B 398 18.30 2.45 32.50
N LYS B 399 18.51 2.68 33.79
CA LYS B 399 19.63 2.04 34.48
C LYS B 399 19.45 0.55 34.57
N GLN B 400 18.21 0.14 34.80
CA GLN B 400 17.86 -1.26 34.87
C GLN B 400 18.15 -1.97 33.53
N ILE B 401 17.73 -1.35 32.43
CA ILE B 401 18.04 -1.88 31.10
C ILE B 401 19.56 -2.03 30.87
N LEU B 402 20.32 -0.99 31.19
CA LEU B 402 21.76 -1.06 31.03
C LEU B 402 22.38 -2.17 31.86
N GLN B 403 21.88 -2.34 33.07
CA GLN B 403 22.40 -3.38 33.94
C GLN B 403 22.12 -4.76 33.39
N ILE B 404 20.92 -4.95 32.85
CA ILE B 404 20.55 -6.26 32.31
C ILE B 404 21.33 -6.53 31.05
N HIS B 405 21.52 -5.47 30.26
CA HIS B 405 22.31 -5.58 29.03
C HIS B 405 23.74 -6.04 29.35
N SER B 406 24.37 -5.37 30.31
CA SER B 406 25.73 -5.71 30.71
C SER B 406 25.82 -7.11 31.32
N TRP B 407 24.81 -7.50 32.09
CA TRP B 407 24.78 -8.84 32.69
C TRP B 407 24.73 -9.89 31.59
N ALA B 408 23.95 -9.63 30.55
CA ALA B 408 23.70 -10.62 29.54
C ALA B 408 24.93 -10.79 28.65
N LYS B 409 25.63 -9.69 28.40
CA LYS B 409 26.87 -9.79 27.62
C LYS B 409 27.92 -10.57 28.41
N ASP B 410 27.99 -10.30 29.71
CA ASP B 410 28.96 -10.98 30.56
C ASP B 410 28.62 -12.43 30.68
N LYS B 411 27.33 -12.73 30.83
CA LYS B 411 26.88 -14.10 30.89
C LYS B 411 27.21 -14.87 29.60
N ALA B 412 27.01 -14.25 28.44
CA ALA B 412 27.35 -14.90 27.18
C ALA B 412 28.85 -15.22 27.10
N THR B 413 29.63 -14.23 27.50
CA THR B 413 31.07 -14.33 27.45
C THR B 413 31.53 -15.46 28.38
N ASP B 414 30.90 -15.58 29.54
CA ASP B 414 31.25 -16.63 30.51
C ASP B 414 30.91 -18.02 29.98
N ILE B 415 29.78 -18.15 29.29
CA ILE B 415 29.40 -19.40 28.69
C ILE B 415 30.42 -19.78 27.62
N TYR B 416 30.84 -18.80 26.82
CA TYR B 416 31.88 -19.04 25.81
C TYR B 416 33.15 -19.55 26.47
N ASN B 417 33.65 -18.80 27.45
CA ASN B 417 34.84 -19.20 28.21
C ASN B 417 34.76 -20.59 28.89
N LYS B 418 33.58 -20.99 29.31
CA LYS B 418 33.37 -22.36 29.82
C LYS B 418 33.64 -23.44 28.79
N HIS B 419 33.09 -23.24 27.60
CA HIS B 419 33.28 -24.19 26.51
C HIS B 419 34.57 -23.80 25.78
N ASN B 420 35.26 -22.83 26.38
CA ASN B 420 36.52 -22.26 25.89
C ASN B 420 36.59 -21.78 24.47
O6 R77 C . -8.63 -9.98 -17.29
P4 R77 C . -8.62 -8.74 -16.41
O5 R77 C . -7.78 -8.87 -15.17
O7 R77 C . -8.30 -7.48 -17.16
C1 R77 C . -10.35 -8.56 -15.87
C2 R77 C . -10.69 -9.28 -14.57
C3 R77 C . -12.07 -8.84 -14.11
C8 R77 C . -12.09 -7.44 -13.53
N9 R77 C . -12.10 -7.28 -12.21
O10 R77 C . -11.98 -5.98 -11.71
C11 R77 C . -12.22 -8.36 -11.24
O12 R77 C . -12.11 -6.48 -14.28
C13 R77 C . -10.74 -10.78 -14.80
C14 R77 C . -10.95 -11.56 -13.50
C15 R77 C . -9.66 -11.70 -12.69
C16 R77 C . -9.88 -12.36 -11.33
C17 R77 C . -10.38 -11.44 -10.23
C19 R77 C . -9.59 -10.46 -9.66
C21 R77 C . -10.08 -9.65 -8.64
C22 R77 C . -11.37 -9.83 -8.17
C20 R77 C . -12.17 -10.83 -8.71
C18 R77 C . -11.67 -11.63 -9.74
MN MN D . -11.46 -4.65 -13.24
O6 R77 E . 18.15 -10.55 5.38
P4 R77 E . 17.14 -9.53 5.83
O5 R77 E . 16.37 -9.98 7.03
O7 R77 E . 16.17 -9.07 4.77
C1 R77 E . 18.12 -8.09 6.36
C2 R77 E . 18.39 -7.07 5.23
C3 R77 E . 18.93 -5.77 5.84
C8 R77 E . 17.81 -4.96 6.46
N9 R77 E . 17.23 -3.98 5.77
O10 R77 E . 16.16 -3.30 6.37
C11 R77 E . 17.58 -3.50 4.45
O12 R77 E . 17.48 -5.23 7.60
C13 R77 E . 19.39 -7.64 4.21
C14 R77 E . 19.49 -6.71 3.00
C15 R77 E . 18.33 -6.94 2.01
C16 R77 E . 18.44 -6.11 0.74
C17 R77 E . 17.88 -4.71 0.93
C19 R77 E . 16.52 -4.51 1.03
C21 R77 E . 16.01 -3.22 1.20
C22 R77 E . 16.87 -2.15 1.28
C20 R77 E . 18.24 -2.34 1.19
C18 R77 E . 18.75 -3.62 1.01
MN MN F . 15.50 -4.42 8.11
CA CA G . 0.19 5.24 3.34
S SO4 H . 27.93 11.90 1.21
O1 SO4 H . 27.50 13.28 1.55
O2 SO4 H . 29.24 11.66 1.87
O3 SO4 H . 26.94 10.92 1.71
O4 SO4 H . 28.02 11.78 -0.26
#